data_9BTM
#
_entry.id   9BTM
#
_cell.length_a   78.884
_cell.length_b   89.339
_cell.length_c   119.768
_cell.angle_alpha   90.000
_cell.angle_beta   90.000
_cell.angle_gamma   90.000
#
_symmetry.space_group_name_H-M   'P 21 21 21'
#
loop_
_entity.id
_entity.type
_entity.pdbx_description
1 polymer 'Leucine-rich repeat protein SHOC-2'
2 polymer 'GTPase NRas'
3 non-polymer "GUANOSINE-5'-TRIPHOSPHATE"
4 non-polymer 'MAGNESIUM ION'
5 water water
#
loop_
_entity_poly.entity_id
_entity_poly.type
_entity_poly.pdbx_seq_one_letter_code
_entity_poly.pdbx_strand_id
1 'polypeptide(L)'
;GTRKKSSNAEVIKELNKCREENSMRLDLSKRSIHILPSSIKELTQLTELYLYSNKLQSLPAEVGCLVNLMTLALSENSLT
SLPDSLDNLKKLRMLDLRHNKLREIPSVVYRLDSLTTLYLRFNRITTVEKDIKNLSKLSMLSIRENKIKQLPAEIGELCN
LITLDVAHNQLEHLPKEIGNCTQITNLDLQHNELLDLPDTIGNLSSLSRLGLRYNRLSAIPRSLAKCSALEELNLENNNI
STLPESLLSSLVKLNSLTLARNCFQLYPVGGPSQFSTIYSLNMEHNRINKIPFGIFSRAKVLSKLNMKDNQLTSLPLDFG
TWTSMVELNLATNQLTKIPEDVSGLVSLEVLILSNNLLKKLPHGLGNLRKLRELDLEENKLESLPNEIAYLKDLQKLVLT
NNQLTTLPRGIGHLTNLTHLGLGENLLTHLPEEIGTLENLEELYLNDNPNLHSLPFELALCSKLSIMSIENCPLSHLPPQ
IVAGGPSFIIQFLKMQGPYRAMV
;
B
2 'polypeptide(L)'
;MTEYKLVVVGAGGVGKSALTIQLIQNHFVDEYDPTIEDSYRKQVVIDGETCLLDILDTAGREEYSAMRDQYMRTGEGFLC
VFAINNSKSFADINLYREQIKRVKDSDDVPMVLVGNKCDLPTRTVDTKQAHELAKSYGIPFIETSAKTRQGVEDAFYTLV
REIRQYRMK
;
A
#
# COMPACT_ATOMS: atom_id res chain seq x y z
N SER A 7 -1.90 -32.43 17.37
CA SER A 7 -1.53 -32.94 18.69
C SER A 7 -0.20 -33.69 18.61
N ASN A 8 0.22 -34.26 19.76
CA ASN A 8 1.49 -34.97 19.82
C ASN A 8 1.42 -36.34 19.15
N ALA A 9 0.22 -36.90 18.97
CA ALA A 9 0.11 -38.22 18.36
C ALA A 9 0.66 -38.22 16.94
N GLU A 10 0.36 -37.18 16.17
CA GLU A 10 0.87 -37.10 14.80
C GLU A 10 2.37 -36.77 14.78
N VAL A 11 2.86 -36.09 15.81
CA VAL A 11 4.24 -35.59 15.79
C VAL A 11 5.22 -36.75 15.76
N ILE A 12 5.15 -37.63 16.76
CA ILE A 12 6.12 -38.72 16.85
C ILE A 12 5.89 -39.74 15.74
N LYS A 13 4.62 -39.94 15.33
CA LYS A 13 4.35 -40.94 14.31
C LYS A 13 4.76 -40.47 12.93
N GLU A 14 4.61 -39.17 12.63
CA GLU A 14 5.03 -38.68 11.33
C GLU A 14 6.54 -38.54 11.20
N LEU A 15 7.27 -38.52 12.33
CA LEU A 15 8.72 -38.61 12.26
C LEU A 15 9.15 -39.96 11.69
N ASN A 16 8.54 -41.04 12.18
CA ASN A 16 8.78 -42.34 11.58
C ASN A 16 8.25 -42.40 10.15
N LYS A 17 7.16 -41.69 9.88
CA LYS A 17 6.65 -41.62 8.51
C LYS A 17 7.64 -40.92 7.59
N CYS A 18 8.40 -39.95 8.10
CA CYS A 18 9.38 -39.25 7.29
C CYS A 18 10.60 -40.11 6.99
N ARG A 19 11.12 -40.82 8.00
CA ARG A 19 12.31 -41.64 7.78
C ARG A 19 11.99 -42.92 7.01
N GLU A 20 10.77 -43.43 7.13
CA GLU A 20 10.36 -44.57 6.31
C GLU A 20 10.27 -44.16 4.84
N GLU A 21 9.59 -43.05 4.56
CA GLU A 21 9.59 -42.52 3.20
C GLU A 21 10.95 -42.00 2.78
N ASN A 22 11.85 -41.76 3.74
CA ASN A 22 13.18 -41.21 3.48
C ASN A 22 13.08 -39.89 2.72
N SER A 23 12.05 -39.10 3.04
CA SER A 23 11.84 -37.83 2.37
C SER A 23 12.86 -36.79 2.84
N MET A 24 13.32 -35.95 1.90
CA MET A 24 14.25 -34.88 2.21
C MET A 24 13.56 -33.60 2.63
N ARG A 25 12.37 -33.71 3.24
CA ARG A 25 11.59 -32.55 3.62
C ARG A 25 10.55 -32.96 4.65
N LEU A 26 10.54 -32.29 5.79
CA LEU A 26 9.58 -32.53 6.86
C LEU A 26 8.83 -31.25 7.16
N ASP A 27 7.50 -31.33 7.22
CA ASP A 27 6.64 -30.18 7.43
C ASP A 27 5.80 -30.43 8.68
N LEU A 28 6.22 -29.85 9.80
CA LEU A 28 5.50 -29.95 11.07
C LEU A 28 4.93 -28.59 11.48
N SER A 29 4.39 -27.85 10.52
CA SER A 29 3.89 -26.52 10.78
C SER A 29 2.44 -26.55 11.26
N LYS A 30 2.10 -25.55 12.09
CA LYS A 30 0.72 -25.33 12.56
C LYS A 30 0.16 -26.51 13.34
N ARG A 31 1.03 -27.29 13.98
CA ARG A 31 0.61 -28.43 14.78
C ARG A 31 0.65 -28.16 16.28
N SER A 32 0.77 -26.89 16.67
CA SER A 32 0.77 -26.49 18.08
C SER A 32 1.82 -27.24 18.89
N ILE A 33 2.94 -27.57 18.25
CA ILE A 33 3.98 -28.36 18.92
C ILE A 33 4.69 -27.50 19.96
N HIS A 34 4.89 -28.07 21.14
CA HIS A 34 5.60 -27.39 22.23
C HIS A 34 7.04 -27.84 22.37
N ILE A 35 7.30 -29.14 22.28
CA ILE A 35 8.65 -29.70 22.42
C ILE A 35 8.87 -30.68 21.28
N LEU A 36 9.85 -30.38 20.43
CA LEU A 36 10.19 -31.28 19.33
C LEU A 36 10.91 -32.49 19.89
N PRO A 37 10.40 -33.70 19.67
CA PRO A 37 11.05 -34.89 20.25
C PRO A 37 12.45 -35.10 19.70
N SER A 38 13.31 -35.72 20.53
CA SER A 38 14.69 -35.99 20.17
C SER A 38 14.84 -37.01 19.04
N SER A 39 13.81 -37.78 18.72
CA SER A 39 13.89 -38.76 17.64
C SER A 39 14.11 -38.14 16.26
N ILE A 40 14.16 -36.80 16.15
CA ILE A 40 14.43 -36.18 14.86
C ILE A 40 15.88 -36.33 14.45
N LYS A 41 16.75 -36.76 15.36
CA LYS A 41 18.15 -36.99 15.04
C LYS A 41 18.31 -38.07 13.97
N GLU A 42 17.32 -38.96 13.83
CA GLU A 42 17.40 -40.04 12.86
C GLU A 42 17.22 -39.54 11.43
N LEU A 43 16.60 -38.38 11.23
CA LEU A 43 16.24 -37.90 9.91
C LEU A 43 17.39 -37.12 9.26
N THR A 44 18.57 -37.74 9.18
CA THR A 44 19.76 -37.06 8.69
C THR A 44 19.72 -36.79 7.19
N GLN A 45 18.74 -37.32 6.46
CA GLN A 45 18.62 -37.06 5.04
C GLN A 45 17.87 -35.77 4.73
N LEU A 46 17.42 -35.04 5.74
CA LEU A 46 16.58 -33.86 5.52
C LEU A 46 17.42 -32.70 4.97
N THR A 47 16.84 -31.99 4.00
CA THR A 47 17.40 -30.73 3.52
C THR A 47 16.49 -29.55 3.82
N GLU A 48 15.23 -29.78 4.18
CA GLU A 48 14.30 -28.73 4.55
C GLU A 48 13.49 -29.18 5.75
N LEU A 49 13.41 -28.32 6.76
CA LEU A 49 12.65 -28.59 7.98
C LEU A 49 11.80 -27.38 8.28
N TYR A 50 10.49 -27.54 8.19
CA TYR A 50 9.53 -26.44 8.38
C TYR A 50 8.83 -26.64 9.71
N LEU A 51 9.05 -25.73 10.65
CA LEU A 51 8.47 -25.79 11.98
C LEU A 51 7.79 -24.48 12.36
N TYR A 52 7.27 -23.77 11.36
CA TYR A 52 6.70 -22.46 11.63
C TYR A 52 5.28 -22.58 12.18
N SER A 53 4.85 -21.53 12.87
CA SER A 53 3.52 -21.44 13.49
C SER A 53 3.28 -22.58 14.47
N ASN A 54 4.17 -22.66 15.47
CA ASN A 54 4.03 -23.62 16.55
C ASN A 54 4.21 -22.87 17.87
N LYS A 55 4.49 -23.61 18.94
CA LYS A 55 4.61 -23.05 20.27
C LYS A 55 5.96 -23.39 20.90
N LEU A 56 6.98 -23.59 20.08
CA LEU A 56 8.28 -23.99 20.58
C LEU A 56 8.93 -22.86 21.36
N GLN A 57 9.56 -23.20 22.49
CA GLN A 57 10.35 -22.26 23.25
C GLN A 57 11.84 -22.56 23.23
N SER A 58 12.22 -23.78 22.82
CA SER A 58 13.62 -24.13 22.63
C SER A 58 13.69 -25.23 21.58
N LEU A 59 14.87 -25.35 20.98
CA LEU A 59 15.06 -26.44 20.03
C LEU A 59 15.96 -27.52 20.63
N PRO A 60 15.68 -28.79 20.38
CA PRO A 60 16.53 -29.84 20.94
C PRO A 60 17.90 -29.85 20.28
N ALA A 61 18.90 -30.28 21.05
CA ALA A 61 20.25 -30.36 20.52
C ALA A 61 20.36 -31.32 19.35
N GLU A 62 19.48 -32.33 19.29
CA GLU A 62 19.55 -33.34 18.23
C GLU A 62 19.33 -32.76 16.84
N VAL A 63 18.77 -31.56 16.74
CA VAL A 63 18.61 -30.92 15.42
C VAL A 63 19.96 -30.65 14.78
N GLY A 64 21.02 -30.55 15.57
CA GLY A 64 22.36 -30.41 15.03
C GLY A 64 22.88 -31.63 14.29
N CYS A 65 22.14 -32.74 14.32
CA CYS A 65 22.51 -33.91 13.52
C CYS A 65 22.18 -33.75 12.05
N LEU A 66 21.21 -32.88 11.71
CA LEU A 66 20.76 -32.70 10.34
C LEU A 66 21.77 -31.84 9.57
N VAL A 67 22.93 -32.45 9.30
CA VAL A 67 24.03 -31.76 8.63
C VAL A 67 23.64 -31.31 7.23
N ASN A 68 22.74 -32.03 6.58
CA ASN A 68 22.34 -31.73 5.21
C ASN A 68 21.25 -30.67 5.13
N LEU A 69 20.89 -30.03 6.24
CA LEU A 69 19.82 -29.05 6.21
C LEU A 69 20.23 -27.83 5.40
N MET A 70 19.31 -27.34 4.57
CA MET A 70 19.49 -26.12 3.81
C MET A 70 18.43 -25.07 4.11
N THR A 71 17.27 -25.46 4.62
CA THR A 71 16.18 -24.55 4.95
C THR A 71 15.66 -24.89 6.33
N LEU A 72 15.65 -23.91 7.23
CA LEU A 72 15.13 -24.09 8.59
C LEU A 72 14.15 -22.97 8.86
N ALA A 73 12.85 -23.28 8.81
CA ALA A 73 11.78 -22.31 8.98
C ALA A 73 11.26 -22.40 10.41
N LEU A 74 11.51 -21.36 11.20
CA LEU A 74 11.12 -21.31 12.60
C LEU A 74 10.29 -20.07 12.92
N SER A 75 9.60 -19.53 11.92
CA SER A 75 8.83 -18.31 12.14
C SER A 75 7.59 -18.59 12.98
N GLU A 76 7.15 -17.56 13.71
CA GLU A 76 5.99 -17.62 14.59
C GLU A 76 6.12 -18.77 15.59
N ASN A 77 7.04 -18.56 16.53
CA ASN A 77 7.23 -19.44 17.68
C ASN A 77 7.48 -18.56 18.88
N SER A 78 8.10 -19.13 19.91
CA SER A 78 8.48 -18.37 21.10
C SER A 78 9.90 -18.71 21.52
N LEU A 79 10.78 -18.88 20.54
CA LEU A 79 12.16 -19.24 20.81
C LEU A 79 12.92 -18.06 21.43
N THR A 80 13.78 -18.37 22.39
CA THR A 80 14.67 -17.37 22.97
C THR A 80 16.14 -17.61 22.63
N SER A 81 16.48 -18.81 22.17
CA SER A 81 17.84 -19.12 21.73
C SER A 81 17.79 -20.33 20.82
N LEU A 82 18.96 -20.71 20.32
CA LEU A 82 19.13 -21.86 19.44
C LEU A 82 20.28 -22.72 19.95
N PRO A 83 20.22 -24.04 19.72
CA PRO A 83 21.25 -24.93 20.26
C PRO A 83 22.61 -24.67 19.62
N ASP A 84 23.64 -24.62 20.46
CA ASP A 84 25.00 -24.43 19.97
C ASP A 84 25.46 -25.57 19.08
N SER A 85 24.71 -26.67 19.03
CA SER A 85 25.04 -27.79 18.16
C SER A 85 24.70 -27.55 16.70
N LEU A 86 24.25 -26.34 16.34
CA LEU A 86 23.87 -26.06 14.97
C LEU A 86 25.05 -25.68 14.08
N ASP A 87 26.27 -25.61 14.63
CA ASP A 87 27.45 -25.43 13.78
C ASP A 87 27.57 -26.54 12.75
N ASN A 88 27.14 -27.76 13.12
CA ASN A 88 27.22 -28.90 12.22
C ASN A 88 26.35 -28.74 10.98
N LEU A 89 25.48 -27.73 10.94
CA LEU A 89 24.68 -27.44 9.75
C LEU A 89 25.49 -26.52 8.82
N LYS A 90 26.58 -27.08 8.31
CA LYS A 90 27.50 -26.30 7.48
C LYS A 90 26.98 -26.06 6.07
N LYS A 91 25.76 -26.48 5.75
CA LYS A 91 25.18 -26.26 4.43
C LYS A 91 23.84 -25.53 4.51
N LEU A 92 23.57 -24.84 5.62
CA LEU A 92 22.31 -24.13 5.79
C LEU A 92 22.32 -22.82 5.04
N ARG A 93 21.25 -22.55 4.29
CA ARG A 93 21.17 -21.38 3.41
C ARG A 93 20.22 -20.31 3.93
N MET A 94 18.98 -20.65 4.26
CA MET A 94 18.02 -19.68 4.76
C MET A 94 17.59 -20.07 6.17
N LEU A 95 17.49 -19.05 7.04
CA LEU A 95 17.11 -19.23 8.44
C LEU A 95 16.01 -18.23 8.75
N ASP A 96 14.78 -18.73 8.90
CA ASP A 96 13.61 -17.88 9.17
C ASP A 96 13.31 -17.95 10.65
N LEU A 97 13.61 -16.86 11.36
CA LEU A 97 13.36 -16.76 12.81
C LEU A 97 12.45 -15.60 13.15
N ARG A 98 11.67 -15.11 12.19
CA ARG A 98 10.87 -13.93 12.47
C ARG A 98 9.63 -14.29 13.27
N HIS A 99 9.08 -13.29 13.95
CA HIS A 99 7.96 -13.44 14.88
C HIS A 99 8.30 -14.46 15.97
N ASN A 100 9.35 -14.15 16.73
CA ASN A 100 9.72 -14.95 17.88
C ASN A 100 9.93 -14.08 19.10
N LYS A 101 10.78 -14.53 20.04
CA LYS A 101 11.05 -13.81 21.27
C LYS A 101 12.55 -13.85 21.57
N LEU A 102 13.35 -13.30 20.66
CA LEU A 102 14.80 -13.24 20.81
C LEU A 102 15.20 -11.86 21.30
N ARG A 103 16.02 -11.82 22.36
CA ARG A 103 16.57 -10.55 22.82
C ARG A 103 17.91 -10.22 22.15
N GLU A 104 18.54 -11.20 21.51
CA GLU A 104 19.73 -10.95 20.72
C GLU A 104 19.86 -12.08 19.71
N ILE A 105 20.68 -11.85 18.70
CA ILE A 105 20.93 -12.92 17.73
C ILE A 105 21.63 -14.07 18.44
N PRO A 106 21.13 -15.30 18.36
CA PRO A 106 21.78 -16.41 19.05
C PRO A 106 23.23 -16.57 18.59
N SER A 107 24.10 -16.92 19.55
CA SER A 107 25.52 -16.98 19.24
C SER A 107 25.82 -17.98 18.13
N VAL A 108 25.00 -19.01 17.99
CA VAL A 108 25.26 -20.02 16.96
C VAL A 108 24.99 -19.46 15.57
N VAL A 109 24.10 -18.47 15.46
CA VAL A 109 23.78 -17.92 14.14
C VAL A 109 24.97 -17.16 13.57
N TYR A 110 25.79 -16.54 14.43
CA TYR A 110 26.98 -15.84 13.98
C TYR A 110 28.04 -16.79 13.42
N ARG A 111 27.85 -18.10 13.56
CA ARG A 111 28.81 -19.09 13.08
C ARG A 111 28.35 -19.81 11.82
N LEU A 112 27.14 -19.52 11.33
CA LEU A 112 26.59 -20.19 10.15
C LEU A 112 26.93 -19.39 8.90
N ASP A 113 28.21 -19.43 8.53
CA ASP A 113 28.73 -18.60 7.45
C ASP A 113 28.20 -18.98 6.07
N SER A 114 27.46 -20.08 5.95
CA SER A 114 26.86 -20.44 4.68
C SER A 114 25.50 -19.77 4.45
N LEU A 115 24.98 -19.03 5.43
CA LEU A 115 23.66 -18.43 5.31
C LEU A 115 23.64 -17.37 4.20
N THR A 116 22.64 -17.47 3.33
CA THR A 116 22.38 -16.45 2.33
C THR A 116 21.12 -15.64 2.61
N THR A 117 20.26 -16.13 3.49
CA THR A 117 18.99 -15.49 3.81
C THR A 117 18.73 -15.63 5.30
N LEU A 118 18.47 -14.51 5.98
CA LEU A 118 18.28 -14.50 7.43
C LEU A 118 17.17 -13.52 7.79
N TYR A 119 16.05 -14.04 8.27
CA TYR A 119 14.90 -13.22 8.67
C TYR A 119 14.84 -13.19 10.20
N LEU A 120 15.07 -12.01 10.78
CA LEU A 120 14.95 -11.80 12.21
C LEU A 120 13.85 -10.80 12.55
N ARG A 121 12.88 -10.64 11.64
CA ARG A 121 11.84 -9.64 11.79
C ARG A 121 10.97 -9.93 13.01
N PHE A 122 10.45 -8.86 13.61
CA PHE A 122 9.56 -8.94 14.77
C PHE A 122 10.17 -9.80 15.90
N ASN A 123 11.21 -9.25 16.50
CA ASN A 123 11.81 -9.82 17.70
C ASN A 123 12.15 -8.67 18.63
N ARG A 124 12.78 -9.00 19.76
CA ARG A 124 13.20 -8.02 20.75
C ARG A 124 14.72 -7.88 20.78
N ILE A 125 15.35 -7.95 19.60
CA ILE A 125 16.80 -7.92 19.51
C ILE A 125 17.30 -6.50 19.76
N THR A 126 18.37 -6.38 20.56
CA THR A 126 18.96 -5.10 20.90
C THR A 126 20.37 -4.91 20.39
N THR A 127 21.05 -5.99 19.97
CA THR A 127 22.47 -5.91 19.63
C THR A 127 22.73 -6.67 18.34
N VAL A 128 23.48 -6.05 17.45
CA VAL A 128 24.05 -6.71 16.28
C VAL A 128 25.55 -6.79 16.52
N GLU A 129 26.04 -7.97 16.88
CA GLU A 129 27.44 -8.13 17.23
C GLU A 129 28.35 -7.94 16.02
N LYS A 130 29.62 -7.64 16.29
CA LYS A 130 30.60 -7.47 15.23
C LYS A 130 30.84 -8.76 14.46
N ASP A 131 30.50 -9.91 15.05
CA ASP A 131 30.62 -11.20 14.36
C ASP A 131 29.68 -11.34 13.18
N ILE A 132 28.81 -10.36 12.94
CA ILE A 132 27.93 -10.39 11.78
C ILE A 132 28.74 -10.47 10.50
N LYS A 133 29.99 -10.01 10.52
CA LYS A 133 30.87 -10.11 9.35
C LYS A 133 31.07 -11.55 8.90
N ASN A 134 30.89 -12.52 9.78
CA ASN A 134 31.04 -13.92 9.40
C ASN A 134 29.96 -14.38 8.43
N LEU A 135 28.80 -13.72 8.45
CA LEU A 135 27.71 -14.07 7.54
C LEU A 135 27.79 -13.26 6.25
N SER A 136 28.97 -13.28 5.62
CA SER A 136 29.23 -12.45 4.44
C SER A 136 28.58 -12.97 3.17
N LYS A 137 28.08 -14.21 3.17
CA LYS A 137 27.35 -14.72 2.03
C LYS A 137 25.89 -14.28 2.02
N LEU A 138 25.49 -13.43 2.96
CA LEU A 138 24.10 -13.00 3.03
C LEU A 138 23.75 -12.08 1.88
N SER A 139 22.58 -12.31 1.29
CA SER A 139 22.00 -11.40 0.31
C SER A 139 20.77 -10.68 0.84
N MET A 140 20.21 -11.16 1.96
CA MET A 140 19.01 -10.58 2.55
C MET A 140 19.19 -10.60 4.07
N LEU A 141 19.30 -9.42 4.68
CA LEU A 141 19.37 -9.29 6.12
C LEU A 141 18.20 -8.44 6.58
N SER A 142 17.25 -9.06 7.28
CA SER A 142 16.03 -8.38 7.74
C SER A 142 15.99 -8.43 9.27
N ILE A 143 16.30 -7.31 9.91
CA ILE A 143 16.17 -7.19 11.35
C ILE A 143 15.08 -6.16 11.64
N ARG A 144 14.04 -6.17 10.82
CA ARG A 144 12.93 -5.24 10.96
C ARG A 144 12.17 -5.51 12.26
N GLU A 145 11.66 -4.43 12.87
CA GLU A 145 10.84 -4.51 14.08
C GLU A 145 11.61 -5.17 15.23
N ASN A 146 12.61 -4.45 15.71
CA ASN A 146 13.42 -4.87 16.84
C ASN A 146 13.75 -3.64 17.68
N LYS A 147 14.69 -3.79 18.61
CA LYS A 147 15.11 -2.73 19.51
C LYS A 147 16.60 -2.43 19.33
N ILE A 148 17.05 -2.41 18.09
CA ILE A 148 18.47 -2.20 17.79
C ILE A 148 18.75 -0.71 17.77
N LYS A 149 19.76 -0.28 18.54
CA LYS A 149 20.13 1.12 18.62
C LYS A 149 21.40 1.46 17.86
N GLN A 150 22.15 0.46 17.39
CA GLN A 150 23.39 0.74 16.65
C GLN A 150 23.75 -0.48 15.81
N LEU A 151 24.30 -0.22 14.63
CA LEU A 151 24.89 -1.23 13.78
C LEU A 151 26.41 -1.14 13.82
N PRO A 152 27.11 -2.26 13.91
CA PRO A 152 28.58 -2.21 13.90
C PRO A 152 29.11 -1.85 12.51
N ALA A 153 30.36 -1.41 12.50
CA ALA A 153 31.02 -1.09 11.23
C ALA A 153 31.21 -2.33 10.38
N GLU A 154 31.20 -3.52 10.98
CA GLU A 154 31.32 -4.78 10.23
C GLU A 154 30.14 -5.02 9.29
N ILE A 155 29.15 -4.13 9.26
CA ILE A 155 28.05 -4.25 8.32
C ILE A 155 28.53 -4.12 6.88
N GLY A 156 29.68 -3.46 6.67
CA GLY A 156 30.31 -3.26 5.39
C GLY A 156 30.95 -4.47 4.78
N GLU A 157 31.07 -5.57 5.52
CA GLU A 157 31.65 -6.78 4.99
C GLU A 157 30.60 -7.75 4.45
N LEU A 158 29.32 -7.37 4.46
CA LEU A 158 28.27 -8.16 3.83
C LEU A 158 28.07 -7.70 2.38
N CYS A 159 29.15 -7.80 1.61
CA CYS A 159 29.23 -7.23 0.27
C CYS A 159 28.30 -7.90 -0.73
N ASN A 160 27.52 -8.90 -0.32
CA ASN A 160 26.56 -9.54 -1.21
C ASN A 160 25.12 -9.13 -0.90
N LEU A 161 24.92 -8.19 0.00
CA LEU A 161 23.57 -7.80 0.40
C LEU A 161 22.84 -7.11 -0.74
N ILE A 162 21.61 -7.53 -1.00
CA ILE A 162 20.71 -6.83 -1.90
C ILE A 162 19.69 -6.01 -1.12
N THR A 163 19.23 -6.53 0.01
CA THR A 163 18.28 -5.84 0.87
C THR A 163 18.80 -5.82 2.29
N LEU A 164 18.85 -4.62 2.88
CA LEU A 164 19.15 -4.45 4.30
C LEU A 164 17.92 -3.79 4.93
N ASP A 165 17.12 -4.59 5.64
CA ASP A 165 15.88 -4.13 6.26
C ASP A 165 16.13 -3.95 7.75
N VAL A 166 16.29 -2.70 8.19
CA VAL A 166 16.44 -2.35 9.59
C VAL A 166 15.31 -1.43 10.05
N ALA A 167 14.19 -1.45 9.34
CA ALA A 167 13.07 -0.58 9.67
C ALA A 167 12.50 -0.91 11.05
N HIS A 168 11.84 0.09 11.65
CA HIS A 168 11.23 -0.03 12.97
C HIS A 168 12.24 -0.49 14.02
N ASN A 169 13.30 0.30 14.14
CA ASN A 169 14.28 0.12 15.21
C ASN A 169 14.52 1.46 15.90
N GLN A 170 15.70 1.64 16.49
CA GLN A 170 16.05 2.86 17.20
C GLN A 170 17.44 3.34 16.80
N LEU A 171 17.78 3.20 15.52
CA LEU A 171 19.07 3.67 15.04
C LEU A 171 19.14 5.18 15.08
N GLU A 172 20.21 5.71 15.66
CA GLU A 172 20.50 7.14 15.60
C GLU A 172 21.51 7.50 14.52
N HIS A 173 22.35 6.54 14.11
CA HIS A 173 23.33 6.79 13.06
C HIS A 173 23.52 5.51 12.26
N LEU A 174 23.81 5.68 10.97
CA LEU A 174 24.14 4.56 10.11
C LEU A 174 25.66 4.50 9.98
N PRO A 175 26.31 3.38 10.28
CA PRO A 175 27.77 3.31 10.13
C PRO A 175 28.18 3.60 8.68
N LYS A 176 29.18 4.47 8.55
CA LYS A 176 29.63 4.91 7.22
C LYS A 176 30.10 3.76 6.35
N GLU A 177 30.43 2.61 6.94
CA GLU A 177 30.87 1.45 6.17
C GLU A 177 29.76 0.85 5.31
N ILE A 178 28.53 1.36 5.39
CA ILE A 178 27.44 0.85 4.58
C ILE A 178 27.69 1.06 3.09
N GLY A 179 28.47 2.07 2.73
CA GLY A 179 28.84 2.30 1.35
C GLY A 179 29.67 1.22 0.72
N ASN A 180 30.03 0.17 1.46
CA ASN A 180 30.79 -0.94 0.89
C ASN A 180 29.91 -2.10 0.45
N CYS A 181 28.61 -2.07 0.79
CA CYS A 181 27.65 -3.08 0.33
C CYS A 181 27.06 -2.63 -1.00
N THR A 182 27.93 -2.60 -2.02
CA THR A 182 27.58 -1.98 -3.29
C THR A 182 26.39 -2.67 -3.95
N GLN A 183 26.25 -3.98 -3.75
CA GLN A 183 25.15 -4.72 -4.39
C GLN A 183 23.78 -4.38 -3.82
N ILE A 184 23.69 -3.46 -2.87
CA ILE A 184 22.41 -3.15 -2.24
C ILE A 184 21.52 -2.40 -3.23
N THR A 185 20.32 -2.93 -3.46
CA THR A 185 19.29 -2.22 -4.22
C THR A 185 18.13 -1.75 -3.35
N ASN A 186 17.99 -2.30 -2.15
CA ASN A 186 16.88 -1.99 -1.25
C ASN A 186 17.42 -1.75 0.15
N LEU A 187 17.39 -0.50 0.60
CA LEU A 187 17.84 -0.12 1.93
C LEU A 187 16.67 0.54 2.65
N ASP A 188 16.14 -0.14 3.67
CA ASP A 188 14.96 0.32 4.39
C ASP A 188 15.39 0.77 5.79
N LEU A 189 15.33 2.07 6.05
CA LEU A 189 15.72 2.65 7.32
C LEU A 189 14.57 3.39 7.99
N GLN A 190 13.33 3.15 7.55
CA GLN A 190 12.20 3.94 8.01
C GLN A 190 11.86 3.60 9.46
N HIS A 191 11.15 4.54 10.11
CA HIS A 191 10.68 4.39 11.49
C HIS A 191 11.83 4.09 12.44
N ASN A 192 12.89 4.90 12.35
CA ASN A 192 13.99 4.86 13.32
C ASN A 192 14.13 6.21 14.00
N GLU A 193 15.36 6.59 14.32
CA GLU A 193 15.65 7.86 14.97
C GLU A 193 16.92 8.46 14.40
N LEU A 194 17.11 8.29 13.09
CA LEU A 194 18.35 8.74 12.44
C LEU A 194 18.45 10.26 12.48
N LEU A 195 19.59 10.75 12.97
CA LEU A 195 19.85 12.18 12.99
C LEU A 195 20.54 12.66 11.72
N ASP A 196 21.27 11.78 11.03
CA ASP A 196 21.93 12.11 9.79
C ASP A 196 22.14 10.82 9.00
N LEU A 197 22.72 10.96 7.81
CA LEU A 197 23.05 9.83 6.96
C LEU A 197 24.51 9.93 6.52
N PRO A 198 25.22 8.81 6.46
CA PRO A 198 26.61 8.85 6.02
C PRO A 198 26.73 9.30 4.57
N ASP A 199 27.79 10.04 4.29
CA ASP A 199 28.04 10.50 2.92
C ASP A 199 28.34 9.35 1.96
N THR A 200 28.83 8.22 2.48
CA THR A 200 29.14 7.07 1.63
C THR A 200 27.89 6.42 1.03
N ILE A 201 26.70 6.93 1.33
CA ILE A 201 25.47 6.37 0.77
C ILE A 201 25.45 6.51 -0.75
N GLY A 202 26.24 7.42 -1.30
CA GLY A 202 26.35 7.58 -2.74
C GLY A 202 27.10 6.46 -3.42
N ASN A 203 27.73 5.56 -2.67
CA ASN A 203 28.40 4.43 -3.29
C ASN A 203 27.40 3.38 -3.75
N LEU A 204 26.26 3.27 -3.08
CA LEU A 204 25.22 2.31 -3.47
C LEU A 204 24.60 2.76 -4.78
N SER A 205 25.34 2.62 -5.88
CA SER A 205 24.86 3.08 -7.18
C SER A 205 23.69 2.25 -7.69
N SER A 206 23.54 1.01 -7.23
CA SER A 206 22.41 0.18 -7.60
C SER A 206 21.21 0.40 -6.70
N LEU A 207 21.31 1.27 -5.70
CA LEU A 207 20.20 1.54 -4.81
C LEU A 207 19.02 2.11 -5.59
N SER A 208 17.89 1.40 -5.58
CA SER A 208 16.68 1.84 -6.25
C SER A 208 15.53 2.16 -5.32
N ARG A 209 15.53 1.63 -4.10
CA ARG A 209 14.47 1.87 -3.13
C ARG A 209 15.11 2.20 -1.79
N LEU A 210 14.77 3.36 -1.23
CA LEU A 210 15.38 3.86 0.00
C LEU A 210 14.29 4.36 0.93
N GLY A 211 14.12 3.67 2.06
CA GLY A 211 13.13 4.07 3.03
C GLY A 211 13.71 4.95 4.12
N LEU A 212 13.35 6.23 4.13
CA LEU A 212 13.86 7.17 5.10
C LEU A 212 12.80 7.81 5.96
N ARG A 213 11.52 7.50 5.74
CA ARG A 213 10.46 8.24 6.40
C ARG A 213 10.38 7.90 7.88
N TYR A 214 9.88 8.84 8.66
CA TYR A 214 9.74 8.72 10.11
C TYR A 214 11.10 8.51 10.79
N ASN A 215 11.93 9.54 10.68
CA ASN A 215 13.20 9.60 11.40
C ASN A 215 13.35 10.96 12.05
N ARG A 216 14.58 11.43 12.20
CA ARG A 216 14.87 12.76 12.74
C ARG A 216 15.91 13.47 11.88
N LEU A 217 15.91 13.18 10.57
CA LEU A 217 16.92 13.73 9.68
C LEU A 217 16.78 15.24 9.55
N SER A 218 17.92 15.94 9.53
CA SER A 218 17.95 17.37 9.33
C SER A 218 18.45 17.77 7.96
N ALA A 219 19.00 16.84 7.18
CA ALA A 219 19.50 17.14 5.85
C ALA A 219 19.69 15.83 5.09
N ILE A 220 19.84 15.94 3.78
CA ILE A 220 20.09 14.81 2.89
C ILE A 220 21.49 14.99 2.31
N PRO A 221 22.35 13.97 2.36
CA PRO A 221 23.69 14.12 1.78
C PRO A 221 23.62 14.39 0.28
N ARG A 222 24.46 15.32 -0.18
CA ARG A 222 24.50 15.62 -1.60
C ARG A 222 24.89 14.40 -2.42
N SER A 223 25.61 13.45 -1.82
CA SER A 223 26.03 12.24 -2.52
C SER A 223 24.86 11.34 -2.91
N LEU A 224 23.65 11.60 -2.38
CA LEU A 224 22.49 10.82 -2.79
C LEU A 224 22.17 11.01 -4.27
N ALA A 225 22.69 12.08 -4.88
CA ALA A 225 22.50 12.27 -6.32
C ALA A 225 23.16 11.17 -7.14
N LYS A 226 24.06 10.38 -6.53
CA LYS A 226 24.67 9.26 -7.22
C LYS A 226 23.76 8.05 -7.29
N CYS A 227 22.72 7.99 -6.45
CA CYS A 227 21.76 6.89 -6.48
C CYS A 227 20.67 7.16 -7.51
N SER A 228 21.11 7.32 -8.76
CA SER A 228 20.25 7.67 -9.89
C SER A 228 19.28 6.56 -10.28
N ALA A 229 19.23 5.44 -9.55
CA ALA A 229 18.25 4.40 -9.79
C ALA A 229 17.02 4.53 -8.90
N LEU A 230 17.03 5.49 -7.96
CA LEU A 230 15.90 5.68 -7.06
C LEU A 230 14.63 6.00 -7.83
N GLU A 231 13.57 5.23 -7.56
CA GLU A 231 12.28 5.48 -8.16
C GLU A 231 11.34 6.27 -7.26
N GLU A 232 11.70 6.46 -5.99
CA GLU A 232 10.83 7.16 -5.05
C GLU A 232 11.68 7.71 -3.92
N LEU A 233 11.49 8.98 -3.60
CA LEU A 233 12.18 9.64 -2.48
C LEU A 233 11.10 10.10 -1.51
N ASN A 234 10.92 9.35 -0.42
CA ASN A 234 9.88 9.62 0.57
C ASN A 234 10.56 9.95 1.89
N LEU A 235 10.60 11.25 2.22
CA LEU A 235 11.23 11.75 3.44
C LEU A 235 10.20 12.18 4.47
N GLU A 236 9.09 11.46 4.55
CA GLU A 236 7.98 11.88 5.40
C GLU A 236 8.37 11.86 6.86
N ASN A 237 7.93 12.90 7.60
CA ASN A 237 8.05 13.00 9.04
C ASN A 237 9.52 13.06 9.48
N ASN A 238 10.12 14.21 9.23
CA ASN A 238 11.51 14.45 9.57
C ASN A 238 11.66 15.93 9.96
N ASN A 239 12.89 16.42 9.97
CA ASN A 239 13.23 17.79 10.32
CA ASN A 239 13.22 17.79 10.32
C ASN A 239 14.08 18.42 9.22
N ILE A 240 13.65 18.23 7.98
CA ILE A 240 14.38 18.70 6.80
C ILE A 240 13.72 19.98 6.30
N SER A 241 14.55 20.92 5.83
CA SER A 241 14.06 22.18 5.32
C SER A 241 14.49 22.47 3.88
N THR A 242 15.61 21.91 3.42
CA THR A 242 16.08 22.12 2.06
C THR A 242 16.59 20.80 1.50
N LEU A 243 16.82 20.79 0.19
CA LEU A 243 17.44 19.67 -0.50
C LEU A 243 18.74 20.13 -1.16
N PRO A 244 19.77 19.28 -1.17
CA PRO A 244 21.07 19.70 -1.73
C PRO A 244 20.95 20.05 -3.21
N GLU A 245 21.99 20.72 -3.70
CA GLU A 245 22.01 21.21 -5.07
C GLU A 245 21.96 20.06 -6.07
N SER A 246 21.05 20.18 -7.05
CA SER A 246 20.96 19.24 -8.17
C SER A 246 20.71 17.80 -7.69
N LEU A 247 19.95 17.67 -6.60
CA LEU A 247 19.58 16.34 -6.12
C LEU A 247 18.39 15.80 -6.90
N LEU A 248 17.28 16.53 -6.91
CA LEU A 248 16.06 16.04 -7.56
C LEU A 248 16.26 15.89 -9.06
N SER A 249 17.01 16.78 -9.68
CA SER A 249 17.26 16.65 -11.12
C SER A 249 18.14 15.46 -11.43
N SER A 250 18.97 15.03 -10.47
CA SER A 250 19.85 13.89 -10.70
C SER A 250 19.09 12.56 -10.66
N LEU A 251 18.06 12.45 -9.83
CA LEU A 251 17.27 11.24 -9.71
C LEU A 251 16.35 11.15 -10.93
N VAL A 252 16.93 10.68 -12.04
CA VAL A 252 16.30 10.74 -13.34
C VAL A 252 15.18 9.70 -13.47
N LYS A 253 15.00 8.88 -12.43
CA LYS A 253 13.96 7.85 -12.44
C LYS A 253 12.96 8.02 -11.32
N LEU A 254 12.86 9.22 -10.74
CA LEU A 254 11.99 9.44 -9.60
C LEU A 254 10.53 9.48 -10.03
N ASN A 255 9.71 8.64 -9.42
CA ASN A 255 8.27 8.61 -9.70
C ASN A 255 7.48 9.52 -8.77
N SER A 256 7.88 9.61 -7.51
CA SER A 256 7.16 10.45 -6.55
C SER A 256 8.15 11.04 -5.55
N LEU A 257 7.85 12.26 -5.11
CA LEU A 257 8.59 12.92 -4.06
C LEU A 257 7.62 13.25 -2.93
N THR A 258 8.03 12.95 -1.70
CA THR A 258 7.18 13.16 -0.53
C THR A 258 8.01 13.86 0.54
N LEU A 259 7.86 15.17 0.64
CA LEU A 259 8.53 15.98 1.65
C LEU A 259 7.59 16.34 2.81
N ALA A 260 6.56 15.51 3.03
CA ALA A 260 5.53 15.84 4.01
C ALA A 260 6.06 15.76 5.43
N ARG A 261 5.48 16.58 6.30
CA ARG A 261 5.82 16.66 7.73
C ARG A 261 7.32 16.94 7.90
N ASN A 262 7.69 18.18 7.60
CA ASN A 262 9.07 18.62 7.72
C ASN A 262 9.08 20.10 8.09
N CYS A 263 10.20 20.76 7.85
CA CYS A 263 10.35 22.19 8.13
C CYS A 263 10.52 23.00 6.86
N PHE A 264 9.97 22.52 5.74
CA PHE A 264 10.04 23.23 4.49
C PHE A 264 9.18 24.50 4.57
N GLN A 265 9.83 25.66 4.63
CA GLN A 265 9.14 26.94 4.53
C GLN A 265 9.16 27.50 3.12
N LEU A 266 10.00 26.96 2.24
CA LEU A 266 10.06 27.36 0.84
C LEU A 266 10.18 26.12 -0.02
N TYR A 267 9.89 26.28 -1.30
CA TYR A 267 10.08 25.20 -2.25
C TYR A 267 11.57 24.91 -2.41
N PRO A 268 11.94 23.66 -2.63
CA PRO A 268 13.37 23.32 -2.79
C PRO A 268 13.94 23.95 -4.04
N VAL A 269 15.18 24.44 -3.92
CA VAL A 269 15.82 25.12 -5.04
C VAL A 269 16.20 24.12 -6.12
N GLY A 270 16.30 24.61 -7.35
CA GLY A 270 16.62 23.77 -8.49
C GLY A 270 15.90 24.20 -9.75
N GLY A 271 14.77 24.88 -9.59
CA GLY A 271 14.00 25.38 -10.71
C GLY A 271 12.98 24.39 -11.21
N PRO A 272 12.46 24.63 -12.42
CA PRO A 272 11.47 23.71 -12.98
C PRO A 272 12.05 22.38 -13.44
N SER A 273 13.37 22.29 -13.63
CA SER A 273 14.01 21.09 -14.16
C SER A 273 14.11 19.97 -13.13
N GLN A 274 13.63 20.17 -11.91
CA GLN A 274 13.72 19.16 -10.87
C GLN A 274 12.42 18.40 -10.66
N PHE A 275 11.36 18.76 -11.39
CA PHE A 275 10.07 18.07 -11.29
C PHE A 275 9.65 17.44 -12.62
N SER A 276 10.60 17.21 -13.51
CA SER A 276 10.29 16.72 -14.85
C SER A 276 10.07 15.21 -14.91
N THR A 277 10.08 14.51 -13.78
CA THR A 277 9.94 13.06 -13.79
C THR A 277 8.90 12.52 -12.82
N ILE A 278 8.43 13.31 -11.85
CA ILE A 278 7.53 12.79 -10.83
C ILE A 278 6.09 12.80 -11.35
N TYR A 279 5.35 11.74 -11.03
CA TYR A 279 3.92 11.71 -11.25
C TYR A 279 3.14 12.21 -10.04
N SER A 280 3.79 12.34 -8.89
CA SER A 280 3.15 12.73 -7.65
C SER A 280 4.09 13.62 -6.85
N LEU A 281 3.51 14.46 -6.00
CA LEU A 281 4.29 15.38 -5.16
C LEU A 281 3.45 15.68 -3.93
N ASN A 282 3.92 15.25 -2.76
CA ASN A 282 3.23 15.47 -1.49
C ASN A 282 4.10 16.34 -0.61
N MET A 283 3.58 17.51 -0.22
CA MET A 283 4.30 18.43 0.64
C MET A 283 3.46 18.83 1.85
N GLU A 284 2.52 17.98 2.26
CA GLU A 284 1.57 18.38 3.29
C GLU A 284 2.25 18.49 4.65
N HIS A 285 1.67 19.34 5.51
CA HIS A 285 2.15 19.60 6.86
C HIS A 285 3.57 20.19 6.82
N ASN A 286 3.64 21.41 6.31
CA ASN A 286 4.87 22.19 6.32
C ASN A 286 4.56 23.66 6.58
N ARG A 287 5.42 24.56 6.10
CA ARG A 287 5.23 25.99 6.30
C ARG A 287 5.55 26.76 5.03
N ILE A 288 5.19 26.18 3.88
CA ILE A 288 5.46 26.82 2.59
C ILE A 288 4.51 27.98 2.40
N ASN A 289 5.06 29.17 2.19
CA ASN A 289 4.25 30.39 2.08
C ASN A 289 3.90 30.76 0.64
N LYS A 290 4.52 30.14 -0.35
CA LYS A 290 4.22 30.45 -1.74
C LYS A 290 4.71 29.33 -2.64
N ILE A 291 3.93 29.04 -3.67
CA ILE A 291 4.34 28.13 -4.74
C ILE A 291 5.01 28.97 -5.83
N PRO A 292 6.23 28.62 -6.25
CA PRO A 292 6.95 29.48 -7.19
C PRO A 292 6.27 29.55 -8.55
N PHE A 293 6.35 30.73 -9.16
CA PHE A 293 5.85 30.91 -10.51
C PHE A 293 6.66 30.07 -11.48
N GLY A 294 5.98 29.23 -12.25
CA GLY A 294 6.67 28.43 -13.25
C GLY A 294 7.43 27.25 -12.69
N ILE A 295 7.18 26.87 -11.44
CA ILE A 295 7.87 25.74 -10.86
C ILE A 295 7.46 24.43 -11.53
N PHE A 296 6.30 24.40 -12.18
CA PHE A 296 5.80 23.22 -12.87
C PHE A 296 5.79 23.39 -14.38
N SER A 297 6.57 24.34 -14.91
CA SER A 297 6.65 24.53 -16.35
C SER A 297 7.33 23.37 -17.07
N ARG A 298 7.99 22.48 -16.35
CA ARG A 298 8.59 21.29 -16.92
C ARG A 298 8.04 20.00 -16.33
N ALA A 299 7.05 20.08 -15.42
CA ALA A 299 6.48 18.89 -14.79
C ALA A 299 5.26 18.45 -15.59
N LYS A 300 5.54 17.79 -16.72
CA LYS A 300 4.50 17.41 -17.65
C LYS A 300 3.82 16.08 -17.32
N VAL A 301 4.38 15.31 -16.39
CA VAL A 301 3.75 14.07 -15.93
C VAL A 301 3.21 14.19 -14.51
N LEU A 302 3.44 15.32 -13.85
CA LEU A 302 2.94 15.54 -12.49
C LEU A 302 1.42 15.60 -12.51
N SER A 303 0.76 14.59 -11.94
CA SER A 303 -0.69 14.53 -11.94
C SER A 303 -1.31 14.71 -10.56
N LYS A 304 -0.53 14.59 -9.49
CA LYS A 304 -1.02 14.72 -8.13
C LYS A 304 -0.17 15.73 -7.37
N LEU A 305 -0.82 16.70 -6.75
CA LEU A 305 -0.16 17.68 -5.90
C LEU A 305 -0.89 17.77 -4.58
N ASN A 306 -0.13 17.79 -3.48
CA ASN A 306 -0.69 17.89 -2.13
C ASN A 306 0.03 19.00 -1.40
N MET A 307 -0.67 20.12 -1.19
CA MET A 307 -0.13 21.24 -0.43
C MET A 307 -0.90 21.46 0.87
N LYS A 308 -1.49 20.40 1.41
CA LYS A 308 -2.32 20.51 2.60
C LYS A 308 -1.50 21.01 3.79
N ASP A 309 -2.13 21.80 4.66
CA ASP A 309 -1.50 22.28 5.88
C ASP A 309 -0.21 23.03 5.60
N ASN A 310 -0.31 24.25 5.09
CA ASN A 310 0.86 25.06 4.78
C ASN A 310 0.56 26.54 5.06
N GLN A 311 1.31 27.42 4.41
CA GLN A 311 1.16 28.87 4.61
C GLN A 311 0.74 29.61 3.34
N LEU A 312 0.11 28.91 2.40
CA LEU A 312 -0.27 29.53 1.13
C LEU A 312 -1.39 30.54 1.35
N THR A 313 -1.14 31.79 0.98
CA THR A 313 -2.17 32.82 1.02
C THR A 313 -2.71 33.18 -0.35
N SER A 314 -2.00 32.84 -1.42
CA SER A 314 -2.45 33.09 -2.77
C SER A 314 -1.80 32.06 -3.68
N LEU A 315 -2.24 32.04 -4.93
CA LEU A 315 -1.71 31.09 -5.89
C LEU A 315 -0.87 31.81 -6.94
N PRO A 316 0.10 31.12 -7.54
CA PRO A 316 0.89 31.75 -8.60
C PRO A 316 0.02 32.13 -9.79
N LEU A 317 0.50 33.11 -10.56
CA LEU A 317 -0.31 33.63 -11.67
C LEU A 317 -0.48 32.60 -12.78
N ASP A 318 0.53 31.75 -13.00
CA ASP A 318 0.43 30.70 -14.00
C ASP A 318 -0.11 29.39 -13.43
N PHE A 319 -0.79 29.45 -12.28
CA PHE A 319 -1.38 28.25 -11.70
C PHE A 319 -2.43 27.65 -12.62
N GLY A 320 -3.02 28.44 -13.52
CA GLY A 320 -3.98 27.94 -14.48
C GLY A 320 -3.39 27.11 -15.60
N THR A 321 -2.07 27.08 -15.75
CA THR A 321 -1.42 26.28 -16.77
C THR A 321 -1.10 24.87 -16.31
N TRP A 322 -1.36 24.54 -15.04
CA TRP A 322 -1.16 23.19 -14.53
C TRP A 322 -2.16 22.24 -15.17
N THR A 323 -2.05 22.04 -16.48
CA THR A 323 -3.06 21.32 -17.23
C THR A 323 -3.00 19.80 -17.04
N SER A 324 -1.85 19.27 -16.63
CA SER A 324 -1.71 17.84 -16.41
C SER A 324 -2.13 17.40 -15.01
N MET A 325 -2.61 18.34 -14.19
CA MET A 325 -2.99 18.03 -12.82
C MET A 325 -4.34 17.32 -12.78
N VAL A 326 -4.38 16.18 -12.11
CA VAL A 326 -5.61 15.40 -11.96
C VAL A 326 -6.20 15.56 -10.56
N GLU A 327 -5.36 15.45 -9.54
CA GLU A 327 -5.78 15.62 -8.15
C GLU A 327 -4.99 16.75 -7.53
N LEU A 328 -5.68 17.70 -6.92
CA LEU A 328 -5.06 18.86 -6.30
C LEU A 328 -5.65 19.07 -4.91
N ASN A 329 -4.78 19.14 -3.91
CA ASN A 329 -5.19 19.30 -2.51
C ASN A 329 -4.56 20.57 -1.97
N LEU A 330 -5.39 21.58 -1.69
CA LEU A 330 -4.94 22.83 -1.10
C LEU A 330 -5.61 23.07 0.24
N ALA A 331 -5.93 22.00 0.97
CA ALA A 331 -6.65 22.13 2.22
C ALA A 331 -5.74 22.72 3.31
N THR A 332 -6.39 23.34 4.29
CA THR A 332 -5.73 23.92 5.46
C THR A 332 -4.63 24.90 5.04
N ASN A 333 -5.09 26.01 4.48
CA ASN A 333 -4.22 27.13 4.13
C ASN A 333 -4.96 28.42 4.48
N GLN A 334 -4.55 29.52 3.86
CA GLN A 334 -5.18 30.82 4.09
C GLN A 334 -5.64 31.43 2.78
N LEU A 335 -6.09 30.60 1.86
CA LEU A 335 -6.55 31.09 0.55
C LEU A 335 -7.86 31.84 0.71
N THR A 336 -7.87 33.11 0.31
CA THR A 336 -9.05 33.95 0.39
C THR A 336 -9.81 34.03 -0.93
N LYS A 337 -9.23 33.51 -2.01
CA LYS A 337 -9.85 33.63 -3.32
C LYS A 337 -9.26 32.57 -4.23
N ILE A 338 -10.11 31.99 -5.08
CA ILE A 338 -9.69 31.07 -6.13
C ILE A 338 -9.74 31.83 -7.45
N PRO A 339 -8.61 31.98 -8.15
CA PRO A 339 -8.60 32.80 -9.37
C PRO A 339 -9.48 32.21 -10.46
N GLU A 340 -9.91 33.08 -11.38
CA GLU A 340 -10.68 32.64 -12.53
C GLU A 340 -9.87 31.75 -13.46
N ASP A 341 -8.54 31.80 -13.39
CA ASP A 341 -7.68 30.98 -14.21
C ASP A 341 -7.78 29.50 -13.88
N VAL A 342 -8.55 29.13 -12.86
CA VAL A 342 -8.76 27.73 -12.52
C VAL A 342 -9.49 26.97 -13.63
N SER A 343 -10.09 27.67 -14.59
CA SER A 343 -10.80 27.03 -15.68
C SER A 343 -9.88 26.26 -16.62
N GLY A 344 -8.57 26.48 -16.54
CA GLY A 344 -7.64 25.76 -17.40
C GLY A 344 -7.27 24.37 -16.95
N LEU A 345 -7.58 24.01 -15.70
CA LEU A 345 -7.27 22.69 -15.16
C LEU A 345 -8.35 21.69 -15.59
N VAL A 346 -8.45 21.48 -16.90
CA VAL A 346 -9.54 20.66 -17.44
C VAL A 346 -9.35 19.18 -17.16
N SER A 347 -8.16 18.75 -16.76
CA SER A 347 -7.91 17.36 -16.43
C SER A 347 -8.05 17.08 -14.93
N LEU A 348 -8.56 18.05 -14.16
CA LEU A 348 -8.68 17.90 -12.72
C LEU A 348 -9.87 17.00 -12.38
N GLU A 349 -9.65 16.02 -11.51
CA GLU A 349 -10.70 15.11 -11.09
C GLU A 349 -11.05 15.23 -9.61
N VAL A 350 -10.11 15.67 -8.78
CA VAL A 350 -10.34 15.85 -7.36
C VAL A 350 -9.75 17.20 -6.94
N LEU A 351 -10.58 18.03 -6.31
CA LEU A 351 -10.17 19.36 -5.84
C LEU A 351 -10.58 19.50 -4.39
N ILE A 352 -9.60 19.55 -3.50
CA ILE A 352 -9.83 19.68 -2.06
C ILE A 352 -9.40 21.07 -1.63
N LEU A 353 -10.35 21.87 -1.14
CA LEU A 353 -10.09 23.23 -0.70
C LEU A 353 -10.63 23.47 0.70
N SER A 354 -10.73 22.42 1.50
CA SER A 354 -11.31 22.55 2.83
C SER A 354 -10.38 23.33 3.76
N ASN A 355 -10.98 24.04 4.72
CA ASN A 355 -10.27 24.82 5.73
C ASN A 355 -9.44 25.94 5.08
N ASN A 356 -10.14 26.84 4.40
CA ASN A 356 -9.55 28.05 3.84
C ASN A 356 -10.49 29.22 4.13
N LEU A 357 -10.18 30.38 3.54
CA LEU A 357 -10.96 31.60 3.74
C LEU A 357 -11.73 31.98 2.49
N LEU A 358 -12.29 31.00 1.79
CA LEU A 358 -13.01 31.27 0.55
C LEU A 358 -14.38 31.84 0.85
N LYS A 359 -14.63 33.06 0.39
CA LYS A 359 -15.95 33.67 0.48
C LYS A 359 -16.85 33.26 -0.68
N LYS A 360 -16.29 33.14 -1.88
CA LYS A 360 -17.04 32.73 -3.06
C LYS A 360 -16.07 32.05 -4.03
N LEU A 361 -16.64 31.48 -5.09
CA LEU A 361 -15.84 30.74 -6.05
C LEU A 361 -15.96 31.35 -7.44
N PRO A 362 -14.92 31.22 -8.26
CA PRO A 362 -14.95 31.86 -9.59
C PRO A 362 -15.96 31.18 -10.50
N HIS A 363 -16.42 31.95 -11.49
CA HIS A 363 -17.35 31.40 -12.46
C HIS A 363 -16.66 30.46 -13.45
N GLY A 364 -15.34 30.54 -13.57
CA GLY A 364 -14.60 29.58 -14.37
C GLY A 364 -14.57 28.18 -13.79
N LEU A 365 -15.11 27.97 -12.58
CA LEU A 365 -15.12 26.64 -11.99
C LEU A 365 -15.96 25.67 -12.82
N GLY A 366 -16.98 26.17 -13.51
CA GLY A 366 -17.83 25.32 -14.33
C GLY A 366 -17.12 24.66 -15.50
N ASN A 367 -15.89 25.08 -15.79
CA ASN A 367 -15.13 24.51 -16.90
C ASN A 367 -14.36 23.25 -16.52
N LEU A 368 -14.39 22.85 -15.24
CA LEU A 368 -13.76 21.61 -14.81
C LEU A 368 -14.68 20.45 -15.19
N ARG A 369 -14.63 20.10 -16.48
CA ARG A 369 -15.49 19.06 -17.03
C ARG A 369 -15.21 17.69 -16.43
N LYS A 370 -13.97 17.44 -16.00
CA LYS A 370 -13.58 16.14 -15.47
C LYS A 370 -13.66 16.07 -13.95
N LEU A 371 -14.09 17.13 -13.28
CA LEU A 371 -14.09 17.17 -11.83
C LEU A 371 -15.05 16.14 -11.27
N ARG A 372 -14.55 15.29 -10.38
CA ARG A 372 -15.35 14.23 -9.77
C ARG A 372 -15.62 14.45 -8.29
N GLU A 373 -14.77 15.19 -7.59
CA GLU A 373 -14.91 15.36 -6.14
C GLU A 373 -14.45 16.75 -5.76
N LEU A 374 -15.34 17.53 -5.14
CA LEU A 374 -15.05 18.90 -4.75
C LEU A 374 -15.36 19.06 -3.26
N ASP A 375 -14.32 19.32 -2.46
CA ASP A 375 -14.45 19.48 -1.02
C ASP A 375 -14.15 20.93 -0.66
N LEU A 376 -15.11 21.59 0.00
CA LEU A 376 -14.97 22.98 0.42
C LEU A 376 -15.36 23.15 1.89
N GLU A 377 -15.13 22.12 2.69
CA GLU A 377 -15.56 22.14 4.09
C GLU A 377 -14.80 23.18 4.89
N GLU A 378 -15.51 23.85 5.79
CA GLU A 378 -14.92 24.83 6.71
C GLU A 378 -14.27 25.99 5.95
N ASN A 379 -15.07 26.65 5.12
CA ASN A 379 -14.67 27.92 4.52
C ASN A 379 -15.60 29.02 4.99
N LYS A 380 -15.60 30.15 4.29
CA LYS A 380 -16.48 31.26 4.59
C LYS A 380 -17.41 31.53 3.41
N LEU A 381 -17.87 30.45 2.76
CA LEU A 381 -18.64 30.56 1.53
C LEU A 381 -20.00 31.20 1.81
N GLU A 382 -20.21 32.40 1.26
CA GLU A 382 -21.52 33.05 1.34
C GLU A 382 -22.46 32.62 0.24
N SER A 383 -21.93 32.13 -0.88
CA SER A 383 -22.76 31.77 -2.01
C SER A 383 -22.03 30.78 -2.90
N LEU A 384 -22.79 29.93 -3.57
CA LEU A 384 -22.19 29.09 -4.59
C LEU A 384 -22.27 29.77 -5.95
N PRO A 385 -21.22 29.66 -6.77
CA PRO A 385 -21.32 30.17 -8.14
C PRO A 385 -22.34 29.38 -8.93
N ASN A 386 -23.13 30.09 -9.74
CA ASN A 386 -24.15 29.43 -10.54
C ASN A 386 -23.57 28.38 -11.49
N GLU A 387 -22.27 28.45 -11.76
CA GLU A 387 -21.65 27.59 -12.75
C GLU A 387 -21.37 26.17 -12.24
N ILE A 388 -21.72 25.86 -10.99
CA ILE A 388 -21.55 24.48 -10.53
C ILE A 388 -22.46 23.52 -11.29
N ALA A 389 -23.51 24.04 -11.93
CA ALA A 389 -24.41 23.18 -12.69
C ALA A 389 -23.72 22.47 -13.84
N TYR A 390 -22.60 23.00 -14.32
CA TYR A 390 -21.92 22.47 -15.50
C TYR A 390 -20.81 21.48 -15.14
N LEU A 391 -20.72 21.07 -13.87
CA LEU A 391 -19.78 20.03 -13.44
C LEU A 391 -20.45 18.67 -13.63
N LYS A 392 -20.54 18.26 -14.89
CA LYS A 392 -21.32 17.07 -15.25
C LYS A 392 -20.76 15.81 -14.59
N ASP A 393 -19.45 15.76 -14.34
CA ASP A 393 -18.81 14.57 -13.81
C ASP A 393 -18.68 14.58 -12.28
N LEU A 394 -19.25 15.57 -11.61
CA LEU A 394 -19.11 15.66 -10.16
C LEU A 394 -19.94 14.57 -9.47
N GLN A 395 -19.31 13.88 -8.51
CA GLN A 395 -19.98 12.86 -7.73
C GLN A 395 -20.04 13.16 -6.24
N LYS A 396 -19.06 13.90 -5.71
CA LYS A 396 -19.00 14.21 -4.28
C LYS A 396 -18.80 15.72 -4.13
N LEU A 397 -19.72 16.36 -3.42
CA LEU A 397 -19.62 17.78 -3.12
C LEU A 397 -19.78 17.96 -1.62
N VAL A 398 -18.73 18.46 -0.97
CA VAL A 398 -18.70 18.64 0.48
C VAL A 398 -18.68 20.14 0.77
N LEU A 399 -19.79 20.65 1.29
CA LEU A 399 -19.94 22.06 1.62
C LEU A 399 -20.18 22.28 3.11
N THR A 400 -19.77 21.33 3.95
CA THR A 400 -20.06 21.39 5.37
C THR A 400 -19.33 22.56 6.03
N ASN A 401 -20.05 23.25 6.93
CA ASN A 401 -19.52 24.36 7.72
C ASN A 401 -19.20 25.58 6.85
N ASN A 402 -20.24 26.25 6.37
CA ASN A 402 -20.10 27.46 5.57
C ASN A 402 -21.25 28.40 5.90
N GLN A 403 -21.46 29.41 5.05
CA GLN A 403 -22.48 30.42 5.25
C GLN A 403 -23.57 30.38 4.18
N LEU A 404 -23.74 29.24 3.52
CA LEU A 404 -24.67 29.15 2.40
C LEU A 404 -26.12 29.24 2.88
N THR A 405 -26.86 30.19 2.33
CA THR A 405 -28.29 30.30 2.61
C THR A 405 -29.16 29.72 1.52
N THR A 406 -28.68 29.68 0.28
CA THR A 406 -29.41 29.10 -0.83
C THR A 406 -28.44 28.36 -1.74
N LEU A 407 -28.95 27.32 -2.40
CA LEU A 407 -28.22 26.64 -3.45
C LEU A 407 -28.69 27.13 -4.81
N PRO A 408 -27.80 27.27 -5.79
CA PRO A 408 -28.23 27.64 -7.14
C PRO A 408 -29.18 26.59 -7.70
N ARG A 409 -30.23 27.06 -8.38
CA ARG A 409 -31.25 26.16 -8.88
C ARG A 409 -30.67 25.15 -9.86
N GLY A 410 -29.59 25.52 -10.55
CA GLY A 410 -28.92 24.60 -11.45
C GLY A 410 -28.24 23.41 -10.80
N ILE A 411 -28.25 23.34 -9.46
CA ILE A 411 -27.66 22.21 -8.76
C ILE A 411 -28.25 20.88 -9.22
N GLY A 412 -29.46 20.90 -9.77
CA GLY A 412 -30.08 19.70 -10.29
C GLY A 412 -29.45 19.16 -11.55
N HIS A 413 -28.58 19.93 -12.21
CA HIS A 413 -27.87 19.45 -13.38
C HIS A 413 -26.72 18.52 -13.05
N LEU A 414 -26.49 18.22 -11.77
CA LEU A 414 -25.42 17.32 -11.36
C LEU A 414 -25.93 15.88 -11.39
N THR A 415 -26.19 15.42 -12.62
CA THR A 415 -26.84 14.13 -12.84
C THR A 415 -26.04 12.95 -12.31
N ASN A 416 -24.76 13.13 -11.98
CA ASN A 416 -23.93 12.06 -11.44
C ASN A 416 -23.58 12.28 -9.97
N LEU A 417 -24.18 13.27 -9.32
CA LEU A 417 -23.86 13.56 -7.93
C LEU A 417 -24.43 12.46 -7.02
N THR A 418 -23.57 11.91 -6.17
CA THR A 418 -23.96 10.89 -5.21
C THR A 418 -23.82 11.31 -3.75
N HIS A 419 -22.98 12.31 -3.46
CA HIS A 419 -22.74 12.76 -2.10
C HIS A 419 -22.84 14.28 -2.07
N LEU A 420 -23.70 14.79 -1.20
CA LEU A 420 -23.90 16.23 -1.04
C LEU A 420 -23.93 16.53 0.46
N GLY A 421 -22.87 17.16 0.95
CA GLY A 421 -22.78 17.51 2.36
C GLY A 421 -23.06 18.98 2.62
N LEU A 422 -24.27 19.28 3.09
CA LEU A 422 -24.71 20.65 3.35
C LEU A 422 -24.86 20.92 4.85
N GLY A 423 -24.07 20.23 5.68
CA GLY A 423 -24.18 20.39 7.11
C GLY A 423 -23.53 21.67 7.61
N GLU A 424 -24.01 22.12 8.77
CA GLU A 424 -23.46 23.28 9.47
C GLU A 424 -23.44 24.52 8.58
N ASN A 425 -24.57 24.75 7.90
CA ASN A 425 -24.78 25.93 7.07
C ASN A 425 -26.03 26.67 7.55
N LEU A 426 -26.34 27.77 6.87
CA LEU A 426 -27.55 28.53 7.21
C LEU A 426 -28.76 27.93 6.50
N LEU A 427 -28.78 28.01 5.17
CA LEU A 427 -29.75 27.34 4.30
C LEU A 427 -31.20 27.52 4.72
N THR A 428 -31.89 28.48 4.10
CA THR A 428 -33.31 28.65 4.36
C THR A 428 -34.16 27.58 3.67
N HIS A 429 -33.69 27.06 2.53
CA HIS A 429 -34.44 26.05 1.79
C HIS A 429 -33.54 25.44 0.74
N LEU A 430 -33.97 24.26 0.23
CA LEU A 430 -33.36 23.58 -0.90
C LEU A 430 -34.13 23.91 -2.17
N PRO A 431 -33.46 23.96 -3.32
CA PRO A 431 -34.17 24.23 -4.57
C PRO A 431 -35.10 23.09 -4.95
N GLU A 432 -36.17 23.45 -5.67
CA GLU A 432 -37.09 22.44 -6.17
C GLU A 432 -36.44 21.57 -7.24
N GLU A 433 -35.36 22.02 -7.86
CA GLU A 433 -34.62 21.25 -8.86
C GLU A 433 -33.76 20.17 -8.23
N ILE A 434 -33.89 19.91 -6.93
CA ILE A 434 -33.15 18.84 -6.27
C ILE A 434 -33.59 17.47 -6.76
N GLY A 435 -34.77 17.38 -7.38
CA GLY A 435 -35.34 16.11 -7.78
C GLY A 435 -34.72 15.46 -9.00
N THR A 436 -33.93 16.21 -9.76
CA THR A 436 -33.25 15.65 -10.93
C THR A 436 -31.92 15.01 -10.57
N LEU A 437 -31.52 15.03 -9.29
CA LEU A 437 -30.31 14.34 -8.84
C LEU A 437 -30.64 12.85 -8.73
N GLU A 438 -30.52 12.17 -9.87
CA GLU A 438 -30.93 10.78 -9.97
C GLU A 438 -30.09 9.89 -9.04
N ASN A 439 -28.77 10.04 -9.10
CA ASN A 439 -27.85 9.15 -8.40
C ASN A 439 -27.49 9.63 -7.01
N LEU A 440 -28.24 10.59 -6.46
CA LEU A 440 -27.96 11.06 -5.10
C LEU A 440 -28.21 9.94 -4.09
N GLU A 441 -27.27 9.77 -3.16
CA GLU A 441 -27.36 8.68 -2.20
C GLU A 441 -27.19 9.16 -0.76
N GLU A 442 -26.43 10.24 -0.57
CA GLU A 442 -26.17 10.78 0.76
C GLU A 442 -26.42 12.28 0.75
N LEU A 443 -27.29 12.75 1.65
CA LEU A 443 -27.63 14.16 1.75
C LEU A 443 -27.58 14.55 3.23
N TYR A 444 -26.50 15.20 3.64
CA TYR A 444 -26.30 15.63 5.02
C TYR A 444 -26.77 17.08 5.16
N LEU A 445 -27.85 17.27 5.91
CA LEU A 445 -28.41 18.60 6.15
C LEU A 445 -28.36 19.01 7.61
N ASN A 446 -27.66 18.25 8.46
CA ASN A 446 -27.67 18.51 9.89
C ASN A 446 -27.13 19.90 10.21
N ASP A 447 -27.61 20.45 11.32
CA ASP A 447 -27.17 21.75 11.84
C ASP A 447 -27.46 22.88 10.84
N ASN A 448 -28.75 23.00 10.50
CA ASN A 448 -29.26 24.08 9.66
C ASN A 448 -30.44 24.71 10.39
N PRO A 449 -30.19 25.73 11.23
CA PRO A 449 -31.27 26.27 12.07
C PRO A 449 -32.33 27.04 11.30
N ASN A 450 -32.12 27.33 10.02
CA ASN A 450 -33.09 28.08 9.22
C ASN A 450 -33.91 27.18 8.30
N LEU A 451 -33.62 25.88 8.24
CA LEU A 451 -34.32 24.96 7.35
C LEU A 451 -35.61 24.51 8.03
N HIS A 452 -36.69 25.23 7.77
CA HIS A 452 -38.00 24.89 8.31
C HIS A 452 -38.85 24.10 7.33
N SER A 453 -38.30 23.72 6.18
CA SER A 453 -39.07 23.00 5.18
C SER A 453 -38.13 22.14 4.35
N LEU A 454 -38.72 21.14 3.68
CA LEU A 454 -38.01 20.27 2.76
C LEU A 454 -38.77 20.22 1.45
N PRO A 455 -38.07 20.34 0.32
CA PRO A 455 -38.77 20.37 -0.98
C PRO A 455 -39.49 19.06 -1.26
N PHE A 456 -40.70 19.19 -1.79
CA PHE A 456 -41.51 18.00 -2.07
C PHE A 456 -40.93 17.18 -3.20
N GLU A 457 -40.18 17.80 -4.11
CA GLU A 457 -39.57 17.09 -5.23
C GLU A 457 -38.38 16.24 -4.81
N LEU A 458 -38.00 16.25 -3.54
CA LEU A 458 -36.87 15.44 -3.07
C LEU A 458 -37.16 13.95 -3.17
N ALA A 459 -38.43 13.55 -3.20
CA ALA A 459 -38.77 12.13 -3.27
C ALA A 459 -38.37 11.49 -4.58
N LEU A 460 -38.14 12.28 -5.63
CA LEU A 460 -37.73 11.74 -6.93
C LEU A 460 -36.30 11.18 -6.90
N CYS A 461 -35.54 11.47 -5.85
CA CYS A 461 -34.20 10.88 -5.68
C CYS A 461 -34.37 9.45 -5.18
N SER A 462 -34.32 8.49 -6.10
CA SER A 462 -34.65 7.11 -5.74
C SER A 462 -33.58 6.49 -4.85
N LYS A 463 -32.31 6.75 -5.13
CA LYS A 463 -31.22 6.10 -4.42
C LYS A 463 -30.83 6.80 -3.13
N LEU A 464 -31.60 7.79 -2.69
CA LEU A 464 -31.29 8.55 -1.48
C LEU A 464 -31.56 7.69 -0.26
N SER A 465 -30.51 7.08 0.30
CA SER A 465 -30.62 6.21 1.46
C SER A 465 -30.18 6.88 2.76
N ILE A 466 -29.02 7.50 2.76
CA ILE A 466 -28.45 8.13 3.95
C ILE A 466 -28.82 9.60 3.97
N MET A 467 -29.27 10.08 5.13
CA MET A 467 -29.61 11.48 5.29
C MET A 467 -29.64 11.81 6.77
N SER A 468 -29.14 12.98 7.13
CA SER A 468 -29.11 13.46 8.51
C SER A 468 -29.84 14.79 8.59
N ILE A 469 -30.70 14.95 9.59
CA ILE A 469 -31.50 16.16 9.74
C ILE A 469 -31.50 16.62 11.19
N GLU A 470 -30.58 16.11 12.00
CA GLU A 470 -30.53 16.50 13.40
C GLU A 470 -30.20 17.97 13.52
N ASN A 471 -30.88 18.64 14.46
CA ASN A 471 -30.79 20.09 14.68
C ASN A 471 -31.34 20.88 13.50
N CYS A 472 -32.34 20.34 12.81
CA CYS A 472 -33.08 21.07 11.79
C CYS A 472 -34.51 21.27 12.24
N PRO A 473 -35.01 22.51 12.24
CA PRO A 473 -36.39 22.74 12.72
C PRO A 473 -37.43 21.94 11.97
N LEU A 474 -37.55 22.16 10.66
CA LEU A 474 -38.54 21.48 9.82
C LEU A 474 -39.95 21.70 10.37
N SER A 475 -40.26 22.95 10.73
CA SER A 475 -41.53 23.25 11.36
C SER A 475 -42.71 23.20 10.39
N HIS A 476 -42.46 23.37 9.10
CA HIS A 476 -43.53 23.26 8.11
C HIS A 476 -44.01 21.82 7.95
N LEU A 477 -43.16 20.85 8.27
CA LEU A 477 -43.48 19.43 8.31
C LEU A 477 -44.03 19.07 9.68
N PRO A 478 -44.86 18.03 9.77
CA PRO A 478 -45.46 17.69 11.05
C PRO A 478 -44.40 17.26 12.05
N PRO A 479 -44.60 17.57 13.34
CA PRO A 479 -43.60 17.17 14.34
C PRO A 479 -43.47 15.67 14.48
N GLN A 480 -44.54 14.91 14.23
CA GLN A 480 -44.46 13.45 14.33
C GLN A 480 -43.68 12.84 13.19
N ILE A 481 -43.73 13.46 12.00
CA ILE A 481 -42.99 12.94 10.86
C ILE A 481 -41.51 13.22 11.01
N VAL A 482 -41.14 14.42 11.48
CA VAL A 482 -39.74 14.76 11.64
C VAL A 482 -39.14 14.09 12.86
N ALA A 483 -39.96 13.66 13.83
CA ALA A 483 -39.43 12.98 15.00
C ALA A 483 -38.92 11.59 14.67
N GLY A 484 -39.48 10.94 13.66
CA GLY A 484 -39.07 9.61 13.28
C GLY A 484 -37.64 9.55 12.80
N GLY A 485 -37.42 9.82 11.52
CA GLY A 485 -36.09 9.78 10.96
C GLY A 485 -36.10 10.07 9.47
N PRO A 486 -35.08 9.58 8.75
CA PRO A 486 -35.03 9.82 7.31
C PRO A 486 -36.19 9.17 6.56
N SER A 487 -36.45 7.89 6.82
CA SER A 487 -37.49 7.18 6.08
C SER A 487 -38.88 7.76 6.36
N PHE A 488 -39.07 8.40 7.51
CA PHE A 488 -40.37 8.99 7.82
C PHE A 488 -40.69 10.13 6.86
N ILE A 489 -39.75 11.05 6.66
CA ILE A 489 -39.96 12.12 5.70
C ILE A 489 -39.84 11.62 4.27
N ILE A 490 -39.14 10.50 4.06
CA ILE A 490 -39.04 9.91 2.72
C ILE A 490 -40.41 9.52 2.20
N GLN A 491 -41.19 8.83 3.03
CA GLN A 491 -42.54 8.45 2.63
C GLN A 491 -43.49 9.64 2.62
N PHE A 492 -43.26 10.61 3.50
CA PHE A 492 -44.17 11.75 3.60
C PHE A 492 -44.14 12.60 2.34
N LEU A 493 -42.96 12.77 1.73
CA LEU A 493 -42.86 13.58 0.52
C LEU A 493 -43.48 12.87 -0.68
N LYS A 494 -43.52 11.54 -0.67
CA LYS A 494 -44.14 10.81 -1.77
C LYS A 494 -45.65 11.04 -1.82
N MET A 495 -46.27 11.29 -0.67
CA MET A 495 -47.73 11.46 -0.63
C MET A 495 -48.15 12.72 -1.37
N GLN A 496 -47.64 13.87 -0.93
CA GLN A 496 -47.99 15.16 -1.52
C GLN A 496 -47.11 15.39 -2.73
N GLY A 497 -47.53 14.87 -3.88
CA GLY A 497 -46.79 15.01 -5.12
C GLY A 497 -47.35 14.21 -6.27
N MET B 1 -16.93 -26.48 6.60
CA MET B 1 -17.24 -26.01 5.26
C MET B 1 -16.06 -26.22 4.31
N THR B 2 -16.31 -26.01 3.02
CA THR B 2 -15.29 -26.23 2.00
C THR B 2 -14.23 -25.13 2.04
N GLU B 3 -12.98 -25.50 1.79
CA GLU B 3 -11.87 -24.57 1.75
C GLU B 3 -11.17 -24.63 0.40
N TYR B 4 -10.53 -23.53 0.03
CA TYR B 4 -9.75 -23.44 -1.21
C TYR B 4 -8.41 -22.79 -0.90
N LYS B 5 -7.32 -23.55 -1.04
CA LYS B 5 -5.98 -23.03 -0.77
C LYS B 5 -5.47 -22.29 -2.00
N LEU B 6 -5.37 -20.97 -1.89
CA LEU B 6 -4.96 -20.11 -3.00
C LEU B 6 -3.58 -19.51 -2.73
N VAL B 7 -2.77 -19.41 -3.77
CA VAL B 7 -1.43 -18.84 -3.68
C VAL B 7 -1.30 -17.77 -4.75
N VAL B 8 -0.78 -16.60 -4.37
CA VAL B 8 -0.61 -15.48 -5.28
C VAL B 8 0.88 -15.34 -5.57
N VAL B 9 1.25 -15.61 -6.83
CA VAL B 9 2.64 -15.52 -7.25
C VAL B 9 2.76 -14.47 -8.35
N GLY B 10 3.97 -13.94 -8.48
CA GLY B 10 4.26 -12.91 -9.46
C GLY B 10 5.44 -12.07 -9.03
N ALA B 11 5.99 -11.31 -9.98
CA ALA B 11 7.14 -10.47 -9.70
C ALA B 11 6.82 -9.44 -8.61
N GLY B 12 7.88 -8.85 -8.07
CA GLY B 12 7.70 -7.88 -7.01
C GLY B 12 7.14 -6.57 -7.54
N GLY B 13 6.15 -6.03 -6.82
CA GLY B 13 5.55 -4.76 -7.17
C GLY B 13 4.39 -4.82 -8.15
N VAL B 14 3.93 -6.01 -8.51
CA VAL B 14 2.84 -6.12 -9.48
C VAL B 14 1.48 -5.87 -8.84
N GLY B 15 1.35 -6.06 -7.53
CA GLY B 15 0.10 -5.79 -6.86
C GLY B 15 -0.51 -6.99 -6.17
N LYS B 16 0.30 -8.02 -5.90
CA LYS B 16 -0.21 -9.23 -5.27
C LYS B 16 -0.79 -8.94 -3.90
N SER B 17 -0.15 -8.06 -3.13
CA SER B 17 -0.65 -7.74 -1.80
C SER B 17 -1.86 -6.80 -1.87
N ALA B 18 -1.85 -5.88 -2.83
CA ALA B 18 -2.98 -4.97 -2.98
C ALA B 18 -4.23 -5.70 -3.46
N LEU B 19 -4.05 -6.71 -4.32
CA LEU B 19 -5.20 -7.50 -4.76
C LEU B 19 -5.79 -8.31 -3.61
N THR B 20 -4.93 -8.94 -2.81
CA THR B 20 -5.41 -9.76 -1.70
C THR B 20 -6.13 -8.91 -0.68
N ILE B 21 -5.50 -7.80 -0.25
CA ILE B 21 -6.12 -6.96 0.77
C ILE B 21 -7.38 -6.30 0.25
N GLN B 22 -7.43 -5.97 -1.05
CA GLN B 22 -8.65 -5.44 -1.64
C GLN B 22 -9.80 -6.44 -1.53
N LEU B 23 -9.52 -7.72 -1.80
CA LEU B 23 -10.57 -8.74 -1.68
C LEU B 23 -10.88 -9.02 -0.22
N ILE B 24 -9.88 -8.99 0.64
CA ILE B 24 -10.05 -9.43 2.03
C ILE B 24 -10.55 -8.31 2.93
N GLN B 25 -10.17 -7.06 2.67
CA GLN B 25 -10.52 -5.94 3.54
C GLN B 25 -11.18 -4.78 2.82
N ASN B 26 -11.43 -4.89 1.51
CA ASN B 26 -12.23 -3.91 0.77
C ASN B 26 -11.65 -2.50 0.84
N HIS B 27 -10.34 -2.40 0.61
CA HIS B 27 -9.69 -1.11 0.55
C HIS B 27 -8.33 -1.28 -0.14
N PHE B 28 -7.87 -0.19 -0.75
CA PHE B 28 -6.65 -0.21 -1.56
C PHE B 28 -5.48 0.28 -0.71
N VAL B 29 -4.44 -0.55 -0.62
CA VAL B 29 -3.20 -0.16 0.07
C VAL B 29 -2.36 0.66 -0.90
N ASP B 30 -2.05 1.89 -0.51
CA ASP B 30 -1.30 2.79 -1.38
C ASP B 30 0.21 2.61 -1.22
N GLU B 31 0.68 2.37 0.01
CA GLU B 31 2.11 2.20 0.24
C GLU B 31 2.60 0.88 -0.34
N TYR B 32 3.91 0.80 -0.55
CA TYR B 32 4.55 -0.42 -1.00
C TYR B 32 5.44 -0.97 0.10
N ASP B 33 5.07 -2.14 0.61
CA ASP B 33 5.86 -2.85 1.62
C ASP B 33 6.14 -4.26 1.09
N PRO B 34 7.37 -4.56 0.68
CA PRO B 34 7.65 -5.88 0.08
C PRO B 34 7.30 -7.01 1.03
N THR B 35 6.77 -8.09 0.45
CA THR B 35 6.26 -9.22 1.20
C THR B 35 7.28 -10.33 1.29
N ILE B 36 7.41 -10.91 2.48
CA ILE B 36 8.13 -12.18 2.64
C ILE B 36 7.09 -13.28 2.46
N GLU B 37 6.12 -13.34 3.37
CA GLU B 37 4.95 -14.18 3.20
C GLU B 37 3.85 -13.64 4.11
N ASP B 38 2.61 -13.77 3.64
CA ASP B 38 1.45 -13.40 4.43
C ASP B 38 0.32 -14.35 4.09
N SER B 39 -0.38 -14.83 5.12
CA SER B 39 -1.45 -15.80 4.96
C SER B 39 -2.74 -15.21 5.52
N TYR B 40 -3.85 -15.54 4.87
CA TYR B 40 -5.15 -15.02 5.25
C TYR B 40 -6.20 -16.12 5.13
N ARG B 41 -7.22 -16.04 5.98
CA ARG B 41 -8.38 -16.92 5.89
C ARG B 41 -9.63 -16.05 5.88
N LYS B 42 -10.37 -16.08 4.77
CA LYS B 42 -11.51 -15.18 4.56
C LYS B 42 -12.70 -15.98 4.05
N GLN B 43 -13.81 -15.91 4.78
CA GLN B 43 -15.03 -16.59 4.36
C GLN B 43 -15.77 -15.75 3.33
N VAL B 44 -16.34 -16.42 2.33
CA VAL B 44 -17.01 -15.73 1.24
C VAL B 44 -18.01 -16.68 0.60
N VAL B 45 -18.91 -16.14 -0.23
CA VAL B 45 -19.90 -16.95 -0.93
C VAL B 45 -19.70 -16.75 -2.43
N ILE B 46 -19.35 -17.83 -3.12
CA ILE B 46 -19.05 -17.82 -4.54
C ILE B 46 -20.04 -18.74 -5.23
N ASP B 47 -20.78 -18.21 -6.20
CA ASP B 47 -21.76 -18.98 -6.97
C ASP B 47 -22.72 -19.76 -6.06
N GLY B 48 -23.03 -19.19 -4.89
CA GLY B 48 -23.95 -19.79 -3.97
C GLY B 48 -23.33 -20.62 -2.86
N GLU B 49 -22.03 -20.92 -2.95
CA GLU B 49 -21.36 -21.77 -1.96
C GLU B 49 -20.67 -20.91 -0.92
N THR B 50 -21.04 -21.11 0.34
CA THR B 50 -20.29 -20.52 1.45
C THR B 50 -19.02 -21.33 1.63
N CYS B 51 -17.88 -20.72 1.33
CA CYS B 51 -16.60 -21.41 1.40
C CYS B 51 -15.59 -20.50 2.08
N LEU B 52 -14.47 -21.09 2.47
CA LEU B 52 -13.41 -20.40 3.18
C LEU B 52 -12.20 -20.33 2.26
N LEU B 53 -11.74 -19.11 1.97
CA LEU B 53 -10.58 -18.90 1.12
C LEU B 53 -9.33 -18.80 1.97
N ASP B 54 -8.33 -19.62 1.65
CA ASP B 54 -7.04 -19.59 2.34
C ASP B 54 -6.00 -19.05 1.37
N ILE B 55 -5.74 -17.74 1.46
CA ILE B 55 -4.90 -17.04 0.51
C ILE B 55 -3.48 -16.93 1.06
N LEU B 56 -2.51 -17.34 0.25
CA LEU B 56 -1.09 -17.23 0.59
C LEU B 56 -0.47 -16.17 -0.29
N ASP B 57 0.01 -15.09 0.32
CA ASP B 57 0.61 -13.97 -0.38
C ASP B 57 2.13 -14.13 -0.33
N THR B 58 2.74 -14.45 -1.46
CA THR B 58 4.15 -14.77 -1.51
C THR B 58 4.99 -13.57 -1.94
N ALA B 59 6.29 -13.79 -2.03
CA ALA B 59 7.26 -12.75 -2.35
C ALA B 59 7.50 -12.68 -3.86
N GLY B 60 7.78 -11.47 -4.34
CA GLY B 60 8.14 -11.26 -5.72
C GLY B 60 9.63 -11.02 -5.90
N ARG B 61 10.21 -10.24 -4.99
CA ARG B 61 11.65 -10.04 -4.98
C ARG B 61 12.36 -11.34 -4.63
N GLU B 62 13.48 -11.59 -5.30
CA GLU B 62 14.13 -12.90 -5.17
C GLU B 62 14.72 -13.08 -3.78
N GLU B 63 15.37 -12.05 -3.22
CA GLU B 63 15.97 -12.17 -1.91
C GLU B 63 14.91 -12.44 -0.83
N TYR B 64 13.71 -11.93 -1.03
CA TYR B 64 12.60 -12.25 -0.16
C TYR B 64 12.01 -13.62 -0.47
N SER B 65 12.28 -14.16 -1.66
CA SER B 65 11.59 -15.33 -2.18
C SER B 65 12.19 -16.64 -1.72
N ALA B 66 13.00 -16.64 -0.67
CA ALA B 66 13.40 -17.91 -0.07
C ALA B 66 12.17 -18.61 0.48
N MET B 67 12.15 -19.94 0.37
CA MET B 67 11.02 -20.80 0.74
C MET B 67 9.83 -20.66 -0.20
N ARG B 68 10.02 -20.14 -1.42
CA ARG B 68 8.89 -20.02 -2.32
C ARG B 68 8.42 -21.38 -2.81
N ASP B 69 9.32 -22.37 -2.88
CA ASP B 69 8.92 -23.70 -3.32
C ASP B 69 7.92 -24.33 -2.37
N GLN B 70 8.14 -24.19 -1.06
CA GLN B 70 7.26 -24.82 -0.08
C GLN B 70 5.87 -24.20 -0.11
N TYR B 71 5.79 -22.87 -0.24
CA TYR B 71 4.48 -22.22 -0.35
C TYR B 71 3.72 -22.71 -1.57
N MET B 72 4.40 -22.82 -2.71
CA MET B 72 3.76 -23.36 -3.91
C MET B 72 3.38 -24.81 -3.75
N ARG B 73 4.11 -25.56 -2.92
CA ARG B 73 3.87 -27.00 -2.82
C ARG B 73 2.53 -27.30 -2.15
N THR B 74 2.07 -26.42 -1.25
CA THR B 74 0.83 -26.65 -0.51
C THR B 74 -0.39 -26.05 -1.19
N GLY B 75 -0.21 -25.12 -2.12
CA GLY B 75 -1.36 -24.46 -2.73
C GLY B 75 -2.11 -25.38 -3.67
N GLU B 76 -3.41 -25.08 -3.83
CA GLU B 76 -4.25 -25.81 -4.78
C GLU B 76 -4.55 -25.01 -6.04
N GLY B 77 -4.52 -23.69 -5.96
CA GLY B 77 -4.69 -22.85 -7.12
C GLY B 77 -3.78 -21.65 -7.03
N PHE B 78 -3.41 -21.11 -8.18
CA PHE B 78 -2.39 -20.08 -8.26
C PHE B 78 -2.86 -18.90 -9.10
N LEU B 79 -2.73 -17.70 -8.54
CA LEU B 79 -2.95 -16.46 -9.28
C LEU B 79 -1.58 -15.98 -9.76
N CYS B 80 -1.32 -16.16 -11.05
CA CYS B 80 -0.09 -15.67 -11.67
C CYS B 80 -0.33 -14.23 -12.09
N VAL B 81 0.33 -13.30 -11.40
CA VAL B 81 0.04 -11.88 -11.51
C VAL B 81 1.20 -11.16 -12.18
N PHE B 82 0.88 -10.22 -13.06
CA PHE B 82 1.85 -9.29 -13.63
C PHE B 82 1.20 -7.92 -13.71
N ALA B 83 2.04 -6.89 -13.81
CA ALA B 83 1.57 -5.51 -13.98
C ALA B 83 1.63 -5.13 -15.44
N ILE B 84 0.57 -4.50 -15.94
CA ILE B 84 0.50 -4.15 -17.36
C ILE B 84 1.45 -3.04 -17.76
N ASN B 85 2.08 -2.38 -16.78
CA ASN B 85 3.09 -1.35 -17.06
C ASN B 85 4.49 -1.86 -16.74
N ASN B 86 4.69 -3.17 -16.71
CA ASN B 86 5.98 -3.77 -16.38
C ASN B 86 6.15 -4.99 -17.28
N SER B 87 6.85 -4.80 -18.40
CA SER B 87 7.01 -5.88 -19.37
C SER B 87 7.88 -7.00 -18.81
N LYS B 88 8.77 -6.70 -17.87
CA LYS B 88 9.59 -7.75 -17.27
C LYS B 88 8.74 -8.73 -16.47
N SER B 89 7.71 -8.21 -15.77
CA SER B 89 6.85 -9.08 -14.97
C SER B 89 6.03 -10.01 -15.85
N PHE B 90 5.61 -9.55 -17.04
CA PHE B 90 4.86 -10.41 -17.94
C PHE B 90 5.75 -11.46 -18.58
N ALA B 91 7.03 -11.13 -18.82
CA ALA B 91 7.95 -12.13 -19.33
C ALA B 91 8.22 -13.22 -18.30
N ASP B 92 8.25 -12.86 -17.01
CA ASP B 92 8.48 -13.81 -15.94
C ASP B 92 7.33 -14.77 -15.73
N ILE B 93 6.18 -14.53 -16.36
CA ILE B 93 4.99 -15.36 -16.14
C ILE B 93 5.30 -16.82 -16.48
N ASN B 94 6.01 -17.05 -17.58
CA ASN B 94 6.32 -18.43 -17.95
C ASN B 94 7.25 -19.09 -16.94
N LEU B 95 8.10 -18.31 -16.27
CA LEU B 95 8.96 -18.88 -15.25
C LEU B 95 8.16 -19.37 -14.05
N TYR B 96 7.17 -18.59 -13.62
CA TYR B 96 6.37 -18.97 -12.46
C TYR B 96 5.52 -20.20 -12.74
N ARG B 97 4.97 -20.30 -13.96
CA ARG B 97 4.16 -21.47 -14.29
C ARG B 97 4.99 -22.75 -14.29
N GLU B 98 6.20 -22.68 -14.84
CA GLU B 98 7.05 -23.87 -14.89
C GLU B 98 7.52 -24.25 -13.49
N GLN B 99 7.80 -23.26 -12.64
CA GLN B 99 8.17 -23.57 -11.26
C GLN B 99 7.01 -24.21 -10.51
N ILE B 100 5.77 -23.76 -10.80
CA ILE B 100 4.60 -24.38 -10.18
C ILE B 100 4.41 -25.81 -10.66
N LYS B 101 4.54 -26.03 -11.98
CA LYS B 101 4.33 -27.36 -12.53
C LYS B 101 5.33 -28.37 -11.99
N ARG B 102 6.54 -27.93 -11.63
CA ARG B 102 7.54 -28.87 -11.15
C ARG B 102 7.42 -29.13 -9.65
N VAL B 103 7.05 -28.12 -8.86
CA VAL B 103 6.92 -28.37 -7.42
C VAL B 103 5.64 -29.14 -7.11
N LYS B 104 4.58 -28.92 -7.90
CA LYS B 104 3.37 -29.73 -7.76
C LYS B 104 3.49 -31.06 -8.50
N ASP B 105 4.47 -31.20 -9.39
CA ASP B 105 4.70 -32.43 -10.15
C ASP B 105 3.44 -32.84 -10.89
N SER B 106 2.83 -31.87 -11.56
CA SER B 106 1.60 -32.10 -12.31
C SER B 106 1.58 -31.20 -13.53
N ASP B 107 0.90 -31.68 -14.58
CA ASP B 107 0.77 -30.89 -15.80
C ASP B 107 -0.41 -29.92 -15.73
N ASP B 108 -1.56 -30.36 -15.23
CA ASP B 108 -2.70 -29.48 -15.04
C ASP B 108 -2.76 -29.05 -13.58
N VAL B 109 -2.57 -27.76 -13.34
CA VAL B 109 -2.67 -27.19 -12.00
C VAL B 109 -3.62 -25.99 -12.09
N PRO B 110 -4.64 -25.90 -11.24
CA PRO B 110 -5.57 -24.76 -11.31
C PRO B 110 -4.84 -23.43 -11.26
N MET B 111 -5.02 -22.62 -12.30
CA MET B 111 -4.19 -21.44 -12.49
C MET B 111 -4.97 -20.39 -13.27
N VAL B 112 -4.69 -19.12 -12.95
CA VAL B 112 -5.36 -17.99 -13.59
C VAL B 112 -4.33 -16.89 -13.83
N LEU B 113 -4.23 -16.42 -15.07
CA LEU B 113 -3.35 -15.31 -15.40
C LEU B 113 -4.06 -13.99 -15.09
N VAL B 114 -3.37 -13.08 -14.40
CA VAL B 114 -3.95 -11.83 -13.92
C VAL B 114 -3.10 -10.67 -14.40
N GLY B 115 -3.73 -9.69 -15.05
CA GLY B 115 -3.06 -8.45 -15.41
C GLY B 115 -3.52 -7.29 -14.56
N ASN B 116 -2.67 -6.84 -13.64
CA ASN B 116 -3.07 -5.85 -12.65
C ASN B 116 -2.71 -4.44 -13.12
N LYS B 117 -3.18 -3.44 -12.36
CA LYS B 117 -2.89 -2.03 -12.59
C LYS B 117 -3.49 -1.54 -13.90
N CYS B 118 -4.72 -1.96 -14.18
CA CYS B 118 -5.44 -1.48 -15.36
C CYS B 118 -6.02 -0.09 -15.16
N ASP B 119 -6.07 0.41 -13.92
CA ASP B 119 -6.47 1.79 -13.68
C ASP B 119 -5.45 2.78 -14.22
N LEU B 120 -4.22 2.36 -14.45
CA LEU B 120 -3.19 3.26 -14.94
C LEU B 120 -3.50 3.72 -16.35
N PRO B 121 -3.21 4.97 -16.70
CA PRO B 121 -3.57 5.47 -18.03
C PRO B 121 -2.76 4.85 -19.15
N THR B 122 -1.46 4.66 -18.96
CA THR B 122 -0.56 4.15 -19.99
C THR B 122 0.00 2.80 -19.55
N ARG B 123 -0.03 1.83 -20.46
CA ARG B 123 0.47 0.50 -20.20
C ARG B 123 1.58 0.16 -21.19
N THR B 124 2.33 -0.89 -20.87
CA THR B 124 3.42 -1.37 -21.72
C THR B 124 3.25 -2.82 -22.16
N VAL B 125 2.20 -3.50 -21.70
CA VAL B 125 1.95 -4.90 -22.06
C VAL B 125 0.69 -4.94 -22.92
N ASP B 126 0.77 -5.69 -24.02
CA ASP B 126 -0.36 -5.79 -24.95
C ASP B 126 -1.36 -6.82 -24.43
N THR B 127 -2.61 -6.39 -24.26
CA THR B 127 -3.66 -7.32 -23.83
C THR B 127 -3.80 -8.49 -24.80
N LYS B 128 -3.54 -8.26 -26.09
CA LYS B 128 -3.57 -9.35 -27.06
C LYS B 128 -2.55 -10.43 -26.71
N GLN B 129 -1.39 -10.03 -26.17
CA GLN B 129 -0.38 -11.01 -25.79
C GLN B 129 -0.84 -11.87 -24.62
N ALA B 130 -1.48 -11.24 -23.62
CA ALA B 130 -1.89 -11.98 -22.43
C ALA B 130 -3.00 -12.97 -22.75
N HIS B 131 -4.00 -12.55 -23.54
CA HIS B 131 -5.03 -13.50 -23.99
C HIS B 131 -4.40 -14.66 -24.73
N GLU B 132 -3.45 -14.36 -25.62
CA GLU B 132 -2.80 -15.41 -26.41
C GLU B 132 -1.99 -16.33 -25.50
N LEU B 133 -1.27 -15.76 -24.53
CA LEU B 133 -0.44 -16.58 -23.65
C LEU B 133 -1.30 -17.48 -22.77
N ALA B 134 -2.32 -16.91 -22.13
CA ALA B 134 -3.21 -17.70 -21.29
C ALA B 134 -3.96 -18.76 -22.10
N LYS B 135 -4.27 -18.45 -23.36
CA LYS B 135 -4.94 -19.43 -24.20
C LYS B 135 -4.06 -20.65 -24.43
N SER B 136 -2.76 -20.45 -24.66
CA SER B 136 -1.87 -21.57 -24.89
C SER B 136 -1.66 -22.42 -23.63
N TYR B 137 -1.89 -21.84 -22.45
CA TYR B 137 -1.78 -22.60 -21.21
C TYR B 137 -3.03 -23.41 -20.90
N GLY B 138 -4.18 -23.04 -21.47
CA GLY B 138 -5.43 -23.65 -21.08
C GLY B 138 -6.07 -23.02 -19.87
N ILE B 139 -5.67 -21.82 -19.50
CA ILE B 139 -6.16 -21.16 -18.29
C ILE B 139 -6.75 -19.82 -18.70
N PRO B 140 -7.64 -19.26 -17.89
CA PRO B 140 -8.23 -17.95 -18.21
C PRO B 140 -7.29 -16.81 -17.89
N PHE B 141 -7.61 -15.65 -18.46
CA PHE B 141 -6.89 -14.41 -18.20
C PHE B 141 -7.89 -13.33 -17.80
N ILE B 142 -7.52 -12.51 -16.83
CA ILE B 142 -8.43 -11.53 -16.23
C ILE B 142 -7.66 -10.24 -15.98
N GLU B 143 -8.18 -9.12 -16.51
CA GLU B 143 -7.62 -7.82 -16.22
C GLU B 143 -8.21 -7.29 -14.91
N THR B 144 -7.34 -6.86 -13.99
CA THR B 144 -7.77 -6.40 -12.68
C THR B 144 -7.18 -5.04 -12.38
N SER B 145 -7.63 -4.47 -11.26
CA SER B 145 -7.10 -3.21 -10.74
C SER B 145 -7.41 -3.17 -9.25
N ALA B 146 -6.38 -3.30 -8.43
CA ALA B 146 -6.58 -3.29 -6.98
C ALA B 146 -6.97 -1.91 -6.46
N LYS B 147 -6.68 -0.84 -7.20
CA LYS B 147 -7.06 0.50 -6.75
C LYS B 147 -8.56 0.71 -6.91
N THR B 148 -9.10 0.39 -8.08
CA THR B 148 -10.52 0.60 -8.36
C THR B 148 -11.36 -0.64 -8.08
N ARG B 149 -10.74 -1.74 -7.63
CA ARG B 149 -11.39 -3.02 -7.34
C ARG B 149 -11.96 -3.67 -8.60
N GLN B 150 -11.67 -3.14 -9.78
CA GLN B 150 -12.17 -3.73 -11.00
C GLN B 150 -11.58 -5.13 -11.20
N GLY B 151 -12.45 -6.12 -11.35
CA GLY B 151 -12.03 -7.48 -11.63
C GLY B 151 -11.39 -8.22 -10.47
N VAL B 152 -11.36 -7.64 -9.27
CA VAL B 152 -10.70 -8.29 -8.15
C VAL B 152 -11.47 -9.54 -7.71
N GLU B 153 -12.79 -9.41 -7.54
CA GLU B 153 -13.59 -10.58 -7.23
C GLU B 153 -13.56 -11.58 -8.38
N ASP B 154 -13.57 -11.07 -9.62
CA ASP B 154 -13.56 -11.96 -10.78
C ASP B 154 -12.34 -12.87 -10.77
N ALA B 155 -11.18 -12.32 -10.41
CA ALA B 155 -9.94 -13.10 -10.47
C ALA B 155 -9.95 -14.25 -9.48
N PHE B 156 -10.19 -13.95 -8.20
CA PHE B 156 -10.14 -14.99 -7.18
C PHE B 156 -11.28 -16.00 -7.37
N TYR B 157 -12.45 -15.53 -7.80
CA TYR B 157 -13.59 -16.44 -7.95
C TYR B 157 -13.38 -17.38 -9.13
N THR B 158 -12.82 -16.87 -10.23
CA THR B 158 -12.52 -17.72 -11.38
C THR B 158 -11.52 -18.81 -11.00
N LEU B 159 -10.53 -18.47 -10.17
CA LEU B 159 -9.58 -19.47 -9.71
C LEU B 159 -10.27 -20.55 -8.89
N VAL B 160 -11.20 -20.16 -8.02
CA VAL B 160 -11.96 -21.13 -7.24
C VAL B 160 -12.74 -22.05 -8.16
N ARG B 161 -13.35 -21.50 -9.21
CA ARG B 161 -14.06 -22.33 -10.18
C ARG B 161 -13.12 -23.30 -10.88
N GLU B 162 -11.88 -22.90 -11.13
CA GLU B 162 -10.92 -23.81 -11.75
C GLU B 162 -10.53 -24.93 -10.80
N ILE B 163 -10.54 -24.67 -9.49
CA ILE B 163 -10.25 -25.73 -8.52
C ILE B 163 -11.41 -26.72 -8.45
N ARG B 164 -12.65 -26.22 -8.56
CA ARG B 164 -13.81 -27.10 -8.57
C ARG B 164 -13.74 -28.07 -9.74
N GLN B 165 -13.43 -27.56 -10.93
CA GLN B 165 -13.29 -28.42 -12.11
C GLN B 165 -12.25 -29.50 -11.88
N TYR B 166 -11.19 -29.20 -11.13
CA TYR B 166 -10.16 -30.19 -10.83
C TYR B 166 -10.69 -31.27 -9.91
N ARG B 167 -11.40 -30.88 -8.86
CA ARG B 167 -11.92 -31.86 -7.90
C ARG B 167 -13.10 -32.62 -8.48
N MET B 168 -13.83 -32.02 -9.41
CA MET B 168 -15.04 -32.63 -9.97
C MET B 168 -14.83 -33.05 -11.41
#